data_7ULJ
#
_entry.id   7ULJ
#
_cell.length_a   129.506
_cell.length_b   129.506
_cell.length_c   104.454
_cell.angle_alpha   90.000
_cell.angle_beta   90.000
_cell.angle_gamma   120.000
#
_symmetry.space_group_name_H-M   'P 65'
#
loop_
_entity.id
_entity.type
_entity.pdbx_description
1 polymer 'Heat shock protein HSP 90-beta'
2 non-polymer N,N-dimethyl-7H-purin-6-amine
3 non-polymer (4S)-2-METHYL-2,4-PENTANEDIOL
4 non-polymer GLYCEROL
5 water water
#
_entity_poly.entity_id   1
_entity_poly.type   'polypeptide(L)'
_entity_poly.pdbx_seq_one_letter_code
;GSHMPEEVHHGEEEVETFAFQAEIAQLMSLIINTFYSNKEIFLRELISNASDALDKIRYESLTDPSKLDSGKELKIDIIP
NPQERTLTLVDTGIGMTKADLINNLGTIAKSGTKAFMEALQAGADISMIGQFGVGFYSAYLVAEKVVVITKHNDDEQYAW
ESSAGGSFTVRADHGEPIGRGTKVILHLKEDQTEYLEERRVKEVVKKHSQFIGYPITLYLE
;
_entity_poly.pdbx_strand_id   A,B,C,D
#
# COMPACT_ATOMS: atom_id res chain seq x y z
N HIS A 3 14.93 -10.66 -54.53
CA HIS A 3 13.76 -9.79 -54.07
C HIS A 3 13.51 -9.86 -52.56
N MET A 4 13.98 -8.83 -51.85
CA MET A 4 13.95 -8.75 -50.38
C MET A 4 13.42 -7.37 -49.97
N PRO A 5 12.14 -7.12 -50.21
CA PRO A 5 11.54 -5.86 -49.77
C PRO A 5 11.64 -5.67 -48.26
N GLU A 6 11.46 -4.43 -47.82
CA GLU A 6 11.46 -4.11 -46.40
C GLU A 6 10.45 -3.00 -46.15
N GLU A 7 9.57 -3.23 -45.17
CA GLU A 7 8.59 -2.21 -44.78
C GLU A 7 9.25 -1.33 -43.73
N VAL A 8 9.94 -0.29 -44.20
CA VAL A 8 10.68 0.61 -43.32
C VAL A 8 9.76 1.35 -42.37
N HIS A 9 8.47 1.46 -42.69
CA HIS A 9 7.55 2.30 -41.93
C HIS A 9 6.15 1.70 -42.08
N HIS A 10 5.60 1.21 -40.97
CA HIS A 10 4.30 0.54 -40.99
C HIS A 10 3.14 1.52 -40.94
N GLY A 11 3.40 2.81 -40.80
CA GLY A 11 2.33 3.79 -40.63
C GLY A 11 2.02 3.99 -39.15
N GLU A 12 0.80 3.62 -38.75
CA GLU A 12 0.42 3.71 -37.34
C GLU A 12 1.34 2.82 -36.50
N GLU A 13 1.58 3.25 -35.26
CA GLU A 13 2.35 2.45 -34.33
C GLU A 13 1.44 1.35 -33.77
N GLU A 14 1.81 0.10 -34.04
CA GLU A 14 0.99 -1.04 -33.62
C GLU A 14 0.76 -1.03 -32.12
N VAL A 15 1.84 -1.13 -31.35
CA VAL A 15 1.79 -1.30 -29.91
C VAL A 15 2.30 -0.03 -29.26
N GLU A 16 1.43 0.63 -28.50
CA GLU A 16 1.73 1.90 -27.87
C GLU A 16 1.90 1.70 -26.36
N THR A 17 2.98 2.22 -25.82
CA THR A 17 3.28 2.13 -24.39
C THR A 17 3.13 3.50 -23.74
N PHE A 18 2.45 3.52 -22.60
CA PHE A 18 2.27 4.75 -21.84
C PHE A 18 2.51 4.48 -20.36
N ALA A 19 2.87 5.53 -19.64
CA ALA A 19 3.03 5.46 -18.20
C ALA A 19 1.71 5.80 -17.50
N PHE A 20 1.43 5.10 -16.41
CA PHE A 20 0.33 5.50 -15.54
C PHE A 20 0.64 6.84 -14.90
N GLN A 21 -0.41 7.59 -14.57
CA GLN A 21 -0.26 8.65 -13.59
C GLN A 21 0.38 8.09 -12.33
N ALA A 22 1.29 8.87 -11.73
CA ALA A 22 2.04 8.41 -10.57
C ALA A 22 1.11 7.88 -9.49
N GLU A 23 -0.04 8.53 -9.30
CA GLU A 23 -0.96 8.11 -8.25
C GLU A 23 -1.46 6.69 -8.49
N ILE A 24 -1.75 6.35 -9.75
CA ILE A 24 -2.19 5.00 -10.10
C ILE A 24 -1.05 4.00 -9.94
N ALA A 25 0.14 4.34 -10.44
CA ALA A 25 1.25 3.40 -10.35
C ALA A 25 1.60 3.07 -8.91
N GLN A 26 1.58 4.07 -8.03
CA GLN A 26 1.89 3.82 -6.63
C GLN A 26 0.83 2.92 -5.99
N LEU A 27 -0.45 3.12 -6.31
CA LEU A 27 -1.48 2.23 -5.78
C LEU A 27 -1.29 0.81 -6.32
N MET A 28 -0.99 0.67 -7.61
CA MET A 28 -0.77 -0.67 -8.17
C MET A 28 0.37 -1.38 -7.46
N SER A 29 1.46 -0.66 -7.16
CA SER A 29 2.55 -1.28 -6.41
C SER A 29 2.10 -1.69 -5.01
N LEU A 30 1.29 -0.85 -4.37
CA LEU A 30 0.76 -1.21 -3.05
C LEU A 30 -0.05 -2.49 -3.14
N ILE A 31 -0.95 -2.58 -4.14
CA ILE A 31 -1.91 -3.68 -4.22
C ILE A 31 -1.21 -4.98 -4.61
N ILE A 32 -0.24 -4.91 -5.52
CA ILE A 32 0.35 -6.15 -6.02
C ILE A 32 1.22 -6.82 -4.97
N ASN A 33 1.75 -6.07 -4.01
CA ASN A 33 2.68 -6.59 -3.03
C ASN A 33 2.12 -6.67 -1.62
N THR A 34 0.87 -6.28 -1.40
CA THR A 34 0.33 -6.24 -0.05
C THR A 34 0.05 -7.64 0.49
N PHE A 35 0.20 -7.80 1.80
CA PHE A 35 -0.14 -9.05 2.47
C PHE A 35 -1.58 -9.08 2.99
N TYR A 36 -2.42 -8.14 2.54
CA TYR A 36 -3.84 -8.15 2.88
C TYR A 36 -4.39 -9.56 2.75
N SER A 37 -5.02 -10.06 3.82
CA SER A 37 -5.47 -11.45 3.88
C SER A 37 -6.85 -11.70 3.26
N ASN A 38 -7.56 -10.68 2.79
CA ASN A 38 -8.90 -10.86 2.24
C ASN A 38 -8.87 -10.58 0.74
N LYS A 39 -7.95 -11.24 0.02
CA LYS A 39 -7.78 -10.96 -1.41
C LYS A 39 -9.00 -11.33 -2.25
N GLU A 40 -9.90 -12.17 -1.73
CA GLU A 40 -11.05 -12.61 -2.52
C GLU A 40 -11.92 -11.45 -2.98
N ILE A 41 -11.82 -10.28 -2.35
CA ILE A 41 -12.66 -9.15 -2.72
C ILE A 41 -12.41 -8.66 -4.14
N PHE A 42 -11.31 -9.10 -4.77
CA PHE A 42 -11.08 -8.71 -6.16
C PHE A 42 -12.25 -9.13 -7.05
N LEU A 43 -12.82 -10.31 -6.78
CA LEU A 43 -13.88 -10.81 -7.64
C LEU A 43 -15.14 -9.96 -7.50
N ARG A 44 -15.45 -9.55 -6.28
CA ARG A 44 -16.57 -8.63 -6.06
C ARG A 44 -16.40 -7.36 -6.86
N GLU A 45 -15.20 -6.77 -6.82
CA GLU A 45 -14.97 -5.51 -7.51
C GLU A 45 -15.10 -5.67 -9.02
N LEU A 46 -14.57 -6.76 -9.57
CA LEU A 46 -14.64 -6.95 -11.02
C LEU A 46 -16.06 -7.27 -11.46
N ILE A 47 -16.80 -8.04 -10.67
CA ILE A 47 -18.21 -8.31 -11.01
C ILE A 47 -19.02 -7.01 -10.91
N SER A 48 -18.73 -6.17 -9.91
CA SER A 48 -19.43 -4.90 -9.79
C SER A 48 -19.16 -4.00 -10.99
N ASN A 49 -17.89 -3.95 -11.44
CA ASN A 49 -17.57 -3.20 -12.66
C ASN A 49 -18.30 -3.76 -13.87
N ALA A 50 -18.39 -5.09 -13.98
CA ALA A 50 -19.12 -5.69 -15.08
C ALA A 50 -20.60 -5.32 -15.03
N SER A 51 -21.19 -5.37 -13.82
CA SER A 51 -22.59 -4.98 -13.67
C SER A 51 -22.80 -3.52 -14.06
N ASP A 52 -21.89 -2.63 -13.65
CA ASP A 52 -22.00 -1.23 -14.01
C ASP A 52 -21.93 -1.04 -15.52
N ALA A 53 -21.03 -1.76 -16.19
CA ALA A 53 -20.93 -1.67 -17.65
C ALA A 53 -22.21 -2.15 -18.32
N LEU A 54 -22.83 -3.20 -17.77
CA LEU A 54 -24.08 -3.68 -18.31
C LEU A 54 -25.20 -2.67 -18.09
N ASP A 55 -25.25 -2.06 -16.90
CA ASP A 55 -26.18 -0.96 -16.67
C ASP A 55 -26.04 0.12 -17.75
N LYS A 56 -24.79 0.43 -18.13
CA LYS A 56 -24.54 1.54 -19.05
C LYS A 56 -25.12 1.27 -20.43
N ILE A 57 -24.88 0.09 -20.95
CA ILE A 57 -25.40 -0.23 -22.25
C ILE A 57 -26.91 -0.25 -22.21
N ARG A 58 -27.47 -0.75 -21.13
CA ARG A 58 -28.89 -0.78 -20.98
C ARG A 58 -29.49 0.62 -20.95
N TYR A 59 -28.84 1.53 -20.25
CA TYR A 59 -29.26 2.92 -20.16
C TYR A 59 -29.22 3.53 -21.55
N GLU A 60 -28.16 3.26 -22.28
CA GLU A 60 -28.01 3.78 -23.61
C GLU A 60 -29.03 3.24 -24.61
N SER A 61 -29.39 1.98 -24.49
CA SER A 61 -30.31 1.34 -25.42
C SER A 61 -31.75 1.81 -25.25
N LEU A 62 -32.06 2.44 -24.11
CA LEU A 62 -33.43 2.90 -23.87
C LEU A 62 -33.88 3.88 -24.94
N THR A 63 -32.98 4.75 -25.37
CA THR A 63 -33.29 5.74 -26.40
C THR A 63 -32.87 5.31 -27.79
N ASP A 64 -32.06 4.26 -27.90
CA ASP A 64 -31.52 3.82 -29.20
C ASP A 64 -31.34 2.32 -29.14
N PRO A 65 -32.40 1.55 -29.39
CA PRO A 65 -32.30 0.09 -29.31
C PRO A 65 -31.26 -0.50 -30.25
N SER A 66 -30.87 0.22 -31.30
CA SER A 66 -29.88 -0.32 -32.23
C SER A 66 -28.52 -0.51 -31.57
N LYS A 67 -28.27 0.11 -30.42
CA LYS A 67 -26.99 -0.11 -29.76
C LYS A 67 -26.83 -1.54 -29.26
N LEU A 68 -27.90 -2.33 -29.25
CA LEU A 68 -27.83 -3.75 -28.92
C LEU A 68 -27.72 -4.63 -30.15
N ASP A 69 -27.54 -4.04 -31.34
CA ASP A 69 -27.31 -4.84 -32.54
C ASP A 69 -26.05 -5.66 -32.41
N SER A 70 -25.05 -5.16 -31.68
CA SER A 70 -23.82 -5.88 -31.41
C SER A 70 -23.99 -7.02 -30.40
N GLY A 71 -25.19 -7.22 -29.87
CA GLY A 71 -25.41 -8.28 -28.90
C GLY A 71 -26.53 -7.97 -27.93
N LYS A 72 -27.53 -8.86 -27.86
CA LYS A 72 -28.71 -8.60 -27.04
C LYS A 72 -28.54 -9.03 -25.59
N GLU A 73 -27.84 -10.13 -25.34
CA GLU A 73 -27.78 -10.67 -23.99
C GLU A 73 -26.86 -9.83 -23.12
N LEU A 74 -27.31 -9.57 -21.89
CA LEU A 74 -26.55 -8.83 -20.89
C LEU A 74 -26.19 -9.81 -19.79
N LYS A 75 -24.91 -10.21 -19.75
CA LYS A 75 -24.51 -11.32 -18.89
C LYS A 75 -23.06 -11.15 -18.45
N ILE A 76 -22.69 -11.94 -17.45
CA ILE A 76 -21.32 -12.01 -16.95
C ILE A 76 -20.88 -13.46 -16.96
N ASP A 77 -19.68 -13.71 -17.48
CA ASP A 77 -19.11 -15.06 -17.51
C ASP A 77 -17.77 -15.06 -16.79
N ILE A 78 -17.53 -16.12 -16.02
CA ILE A 78 -16.27 -16.31 -15.31
C ILE A 78 -15.65 -17.59 -15.82
N ILE A 79 -14.41 -17.50 -16.29
CA ILE A 79 -13.75 -18.63 -16.94
C ILE A 79 -12.39 -18.87 -16.29
N PRO A 80 -12.28 -19.79 -15.33
CA PRO A 80 -10.96 -20.19 -14.85
C PRO A 80 -10.30 -21.14 -15.84
N ASN A 81 -8.99 -20.96 -16.04
CA ASN A 81 -8.21 -21.74 -16.99
C ASN A 81 -6.95 -22.23 -16.27
N PRO A 82 -6.99 -23.45 -15.73
CA PRO A 82 -5.84 -23.90 -14.93
C PRO A 82 -4.56 -24.08 -15.72
N GLN A 83 -4.62 -24.40 -17.02
CA GLN A 83 -3.41 -24.68 -17.78
C GLN A 83 -2.60 -23.41 -18.03
N GLU A 84 -3.27 -22.33 -18.43
CA GLU A 84 -2.65 -21.03 -18.59
C GLU A 84 -2.66 -20.18 -17.32
N ARG A 85 -3.18 -20.69 -16.20
CA ARG A 85 -3.23 -19.94 -14.94
C ARG A 85 -3.89 -18.58 -15.14
N THR A 86 -5.01 -18.55 -15.86
CA THR A 86 -5.76 -17.32 -16.04
C THR A 86 -7.16 -17.46 -15.47
N LEU A 87 -7.70 -16.35 -14.97
CA LEU A 87 -9.11 -16.23 -14.61
C LEU A 87 -9.69 -15.05 -15.37
N THR A 88 -10.70 -15.32 -16.19
CA THR A 88 -11.25 -14.31 -17.09
C THR A 88 -12.68 -13.97 -16.68
N LEU A 89 -12.99 -12.67 -16.63
CA LEU A 89 -14.34 -12.19 -16.40
C LEU A 89 -14.81 -11.43 -17.63
N VAL A 90 -15.87 -11.92 -18.27
CA VAL A 90 -16.41 -11.35 -19.49
C VAL A 90 -17.74 -10.71 -19.19
N ASP A 91 -17.96 -9.51 -19.73
CA ASP A 91 -19.27 -8.88 -19.69
C ASP A 91 -19.60 -8.36 -21.08
N THR A 92 -20.90 -8.33 -21.37
CA THR A 92 -21.41 -7.80 -22.64
C THR A 92 -21.91 -6.38 -22.45
N GLY A 93 -21.18 -5.58 -21.68
CA GLY A 93 -21.59 -4.22 -21.37
C GLY A 93 -21.21 -3.24 -22.45
N ILE A 94 -21.02 -1.98 -22.03
CA ILE A 94 -20.83 -0.87 -22.96
C ILE A 94 -19.49 -0.97 -23.69
N GLY A 95 -18.48 -1.56 -23.07
CA GLY A 95 -17.14 -1.59 -23.64
C GLY A 95 -16.48 -0.22 -23.57
N MET A 96 -15.28 -0.15 -24.13
CA MET A 96 -14.47 1.08 -24.11
C MET A 96 -13.88 1.32 -25.49
N THR A 97 -13.97 2.57 -25.95
CA THR A 97 -13.19 2.98 -27.11
C THR A 97 -11.71 3.04 -26.75
N LYS A 98 -10.87 3.18 -27.77
CA LYS A 98 -9.43 3.32 -27.54
C LYS A 98 -9.13 4.50 -26.62
N ALA A 99 -9.75 5.65 -26.88
CA ALA A 99 -9.49 6.83 -26.07
C ALA A 99 -9.90 6.60 -24.62
N ASP A 100 -11.08 6.04 -24.40
CA ASP A 100 -11.54 5.75 -23.05
C ASP A 100 -10.69 4.66 -22.39
N LEU A 101 -10.20 3.71 -23.18
CA LEU A 101 -9.34 2.67 -22.63
C LEU A 101 -8.06 3.27 -22.04
N ILE A 102 -7.39 4.12 -22.81
CA ILE A 102 -6.19 4.80 -22.32
C ILE A 102 -6.53 5.71 -21.15
N ASN A 103 -7.62 6.46 -21.27
CA ASN A 103 -8.00 7.44 -20.26
C ASN A 103 -8.49 6.76 -18.99
N ASN A 104 -9.41 5.81 -19.11
CA ASN A 104 -10.09 5.27 -17.92
C ASN A 104 -9.14 4.40 -17.09
N LEU A 105 -8.28 3.62 -17.73
CA LEU A 105 -7.37 2.75 -16.99
C LEU A 105 -6.01 3.39 -16.73
N GLY A 106 -5.62 4.40 -17.50
CA GLY A 106 -4.28 4.95 -17.38
C GLY A 106 -4.17 6.31 -16.73
N THR A 107 -5.28 7.05 -16.62
CA THR A 107 -5.21 8.46 -16.27
C THR A 107 -6.28 8.90 -15.27
N ILE A 108 -7.56 8.72 -15.62
CA ILE A 108 -8.65 9.32 -14.85
C ILE A 108 -8.80 8.72 -13.45
N ALA A 109 -8.24 7.53 -13.22
CA ALA A 109 -8.28 6.95 -11.88
C ALA A 109 -7.40 7.70 -10.88
N LYS A 110 -6.65 8.71 -11.35
CA LYS A 110 -5.71 9.45 -10.51
C LYS A 110 -6.35 9.91 -9.20
N SER A 111 -7.49 10.60 -9.28
CA SER A 111 -8.09 11.16 -8.08
C SER A 111 -8.57 10.07 -7.13
N GLY A 112 -9.20 9.03 -7.66
CA GLY A 112 -9.66 7.93 -6.83
C GLY A 112 -8.53 7.19 -6.15
N THR A 113 -7.46 6.88 -6.89
CA THR A 113 -6.34 6.16 -6.28
C THR A 113 -5.65 7.03 -5.24
N LYS A 114 -5.54 8.32 -5.49
CA LYS A 114 -4.93 9.23 -4.52
C LYS A 114 -5.74 9.28 -3.24
N ALA A 115 -7.05 9.48 -3.37
CA ALA A 115 -7.92 9.57 -2.19
C ALA A 115 -7.92 8.25 -1.43
N PHE A 116 -7.88 7.13 -2.14
CA PHE A 116 -7.90 5.82 -1.50
C PHE A 116 -6.63 5.58 -0.68
N MET A 117 -5.47 5.98 -1.21
CA MET A 117 -4.23 5.79 -0.47
C MET A 117 -4.18 6.69 0.75
N GLU A 118 -4.71 7.91 0.65
CA GLU A 118 -4.82 8.75 1.85
C GLU A 118 -5.75 8.10 2.88
N ALA A 119 -6.87 7.53 2.44
CA ALA A 119 -7.78 6.87 3.37
C ALA A 119 -7.12 5.67 4.01
N LEU A 120 -6.35 4.90 3.24
CA LEU A 120 -5.62 3.77 3.80
C LEU A 120 -4.63 4.23 4.86
N GLN A 121 -3.91 5.32 4.59
CA GLN A 121 -2.94 5.84 5.55
C GLN A 121 -3.61 6.21 6.87
N ALA A 122 -4.89 6.60 6.83
CA ALA A 122 -5.62 7.05 8.01
C ALA A 122 -6.44 5.94 8.66
N GLY A 123 -6.29 4.69 8.20
CA GLY A 123 -6.92 3.55 8.86
C GLY A 123 -7.98 2.83 8.05
N ALA A 124 -8.29 3.28 6.83
CA ALA A 124 -9.20 2.52 5.99
C ALA A 124 -8.54 1.21 5.58
N ASP A 125 -9.32 0.31 4.99
CA ASP A 125 -8.78 -0.96 4.55
C ASP A 125 -9.06 -1.21 3.08
N ILE A 126 -8.34 -2.19 2.54
CA ILE A 126 -8.28 -2.40 1.10
C ILE A 126 -9.64 -2.79 0.53
N SER A 127 -10.50 -3.43 1.32
CA SER A 127 -11.82 -3.82 0.83
C SER A 127 -12.69 -2.63 0.46
N MET A 128 -12.32 -1.42 0.87
CA MET A 128 -13.08 -0.21 0.55
C MET A 128 -12.71 0.37 -0.81
N ILE A 129 -11.86 -0.32 -1.58
CA ILE A 129 -11.33 0.26 -2.82
C ILE A 129 -12.45 0.68 -3.76
N GLY A 130 -13.55 -0.08 -3.80
CA GLY A 130 -14.64 0.24 -4.69
C GLY A 130 -15.32 1.56 -4.37
N GLN A 131 -15.23 1.99 -3.12
CA GLN A 131 -15.85 3.25 -2.72
C GLN A 131 -15.10 4.46 -3.28
N PHE A 132 -13.95 4.24 -3.93
CA PHE A 132 -13.19 5.31 -4.55
C PHE A 132 -13.19 5.21 -6.07
N GLY A 133 -14.00 4.30 -6.63
CA GLY A 133 -14.15 4.19 -8.07
C GLY A 133 -13.01 3.52 -8.79
N VAL A 134 -12.11 2.83 -8.07
CA VAL A 134 -10.90 2.28 -8.67
C VAL A 134 -10.74 0.80 -8.31
N GLY A 135 -11.86 0.10 -8.11
CA GLY A 135 -11.83 -1.31 -7.76
C GLY A 135 -11.15 -2.19 -8.79
N PHE A 136 -11.09 -1.74 -10.05
CA PHE A 136 -10.41 -2.50 -11.09
C PHE A 136 -9.02 -2.95 -10.66
N TYR A 137 -8.28 -2.06 -10.00
CA TYR A 137 -6.89 -2.36 -9.68
C TYR A 137 -6.76 -3.42 -8.57
N SER A 138 -7.85 -3.78 -7.90
CA SER A 138 -7.80 -4.88 -6.94
C SER A 138 -7.50 -6.21 -7.62
N ALA A 139 -7.61 -6.28 -8.95
CA ALA A 139 -7.20 -7.47 -9.67
C ALA A 139 -5.77 -7.87 -9.34
N TYR A 140 -4.92 -6.89 -9.04
CA TYR A 140 -3.53 -7.20 -8.76
C TYR A 140 -3.32 -7.76 -7.36
N LEU A 141 -4.39 -7.91 -6.57
CA LEU A 141 -4.29 -8.71 -5.35
C LEU A 141 -3.96 -10.16 -5.67
N VAL A 142 -4.45 -10.65 -6.80
CA VAL A 142 -4.27 -12.05 -7.18
C VAL A 142 -3.55 -12.22 -8.51
N ALA A 143 -3.41 -11.18 -9.31
CA ALA A 143 -2.82 -11.28 -10.65
C ALA A 143 -1.46 -10.58 -10.68
N GLU A 144 -0.51 -11.20 -11.38
CA GLU A 144 0.75 -10.53 -11.70
C GLU A 144 0.67 -9.75 -12.99
N LYS A 145 -0.33 -10.03 -13.83
CA LYS A 145 -0.53 -9.39 -15.11
C LYS A 145 -2.01 -9.36 -15.41
N VAL A 146 -2.49 -8.26 -15.98
CA VAL A 146 -3.89 -8.12 -16.35
C VAL A 146 -3.96 -7.70 -17.81
N VAL A 147 -4.79 -8.39 -18.58
CA VAL A 147 -5.08 -8.06 -19.97
C VAL A 147 -6.57 -7.73 -20.06
N VAL A 148 -6.89 -6.65 -20.76
CA VAL A 148 -8.26 -6.21 -20.97
C VAL A 148 -8.52 -6.16 -22.48
N ILE A 149 -9.49 -6.95 -22.92
CA ILE A 149 -9.99 -6.90 -24.29
C ILE A 149 -11.34 -6.20 -24.24
N THR A 150 -11.55 -5.21 -25.10
CA THR A 150 -12.76 -4.42 -25.03
C THR A 150 -13.23 -4.02 -26.42
N LYS A 151 -14.55 -3.90 -26.56
CA LYS A 151 -15.16 -3.51 -27.82
C LYS A 151 -16.35 -2.60 -27.53
N HIS A 152 -16.27 -1.37 -28.01
CA HIS A 152 -17.34 -0.39 -27.92
C HIS A 152 -17.97 -0.20 -29.29
N ASN A 153 -19.28 0.07 -29.31
CA ASN A 153 -20.00 0.18 -30.58
C ASN A 153 -19.35 1.19 -31.52
N ASP A 154 -18.68 2.21 -30.98
CA ASP A 154 -18.17 3.32 -31.77
C ASP A 154 -16.71 3.18 -32.16
N ASP A 155 -16.11 2.01 -31.97
CA ASP A 155 -14.69 1.83 -32.23
C ASP A 155 -14.42 0.36 -32.48
N GLU A 156 -13.17 0.05 -32.84
CA GLU A 156 -12.76 -1.33 -33.07
C GLU A 156 -12.25 -1.96 -31.78
N GLN A 157 -12.04 -3.27 -31.84
CA GLN A 157 -11.61 -4.01 -30.66
C GLN A 157 -10.16 -3.70 -30.32
N TYR A 158 -9.90 -3.50 -29.03
CA TYR A 158 -8.57 -3.14 -28.53
C TYR A 158 -8.19 -4.00 -27.33
N ALA A 159 -6.88 -4.10 -27.12
CA ALA A 159 -6.29 -4.87 -26.03
C ALA A 159 -5.40 -3.96 -25.21
N TRP A 160 -5.56 -4.04 -23.89
CA TRP A 160 -4.76 -3.33 -22.90
C TRP A 160 -4.09 -4.35 -21.99
N GLU A 161 -2.91 -4.03 -21.51
CA GLU A 161 -2.23 -4.95 -20.60
C GLU A 161 -1.21 -4.19 -19.76
N SER A 162 -1.01 -4.70 -18.54
CA SER A 162 -0.02 -4.14 -17.63
C SER A 162 0.37 -5.20 -16.62
N SER A 163 1.68 -5.27 -16.33
CA SER A 163 2.21 -6.04 -15.21
C SER A 163 2.60 -5.14 -14.03
N ALA A 164 2.02 -3.93 -13.96
CA ALA A 164 2.18 -3.05 -12.80
C ALA A 164 3.64 -2.63 -12.64
N GLY A 165 4.33 -2.41 -13.75
CA GLY A 165 5.67 -1.86 -13.73
C GLY A 165 5.72 -0.36 -13.89
N GLY A 166 4.59 0.34 -13.76
CA GLY A 166 4.49 1.76 -14.03
C GLY A 166 3.98 2.09 -15.42
N SER A 167 3.85 1.10 -16.30
CA SER A 167 3.46 1.34 -17.68
C SER A 167 2.41 0.33 -18.10
N PHE A 168 1.72 0.65 -19.19
CA PHE A 168 0.75 -0.24 -19.82
C PHE A 168 0.89 -0.08 -21.33
N THR A 169 0.38 -1.05 -22.07
CA THR A 169 0.38 -0.99 -23.52
C THR A 169 -1.04 -1.13 -24.04
N VAL A 170 -1.27 -0.56 -25.22
CA VAL A 170 -2.54 -0.66 -25.91
C VAL A 170 -2.25 -1.02 -27.36
N ARG A 171 -3.09 -1.88 -27.93
CA ARG A 171 -2.93 -2.27 -29.33
C ARG A 171 -4.27 -2.75 -29.85
N ALA A 172 -4.50 -2.51 -31.14
CA ALA A 172 -5.66 -3.06 -31.81
C ALA A 172 -5.66 -4.58 -31.73
N ASP A 173 -6.82 -5.16 -31.43
CA ASP A 173 -6.99 -6.61 -31.32
C ASP A 173 -7.76 -7.10 -32.52
N HIS A 174 -7.09 -7.84 -33.41
CA HIS A 174 -7.74 -8.44 -34.56
C HIS A 174 -8.07 -9.91 -34.33
N GLY A 175 -8.13 -10.33 -33.08
CA GLY A 175 -8.49 -11.69 -32.73
C GLY A 175 -9.99 -11.90 -32.72
N GLU A 176 -10.41 -12.96 -32.05
CA GLU A 176 -11.81 -13.32 -31.98
C GLU A 176 -12.64 -12.10 -31.55
N PRO A 177 -13.56 -11.63 -32.39
CA PRO A 177 -14.41 -10.49 -31.97
C PRO A 177 -15.32 -10.87 -30.82
N ILE A 178 -15.43 -9.96 -29.84
CA ILE A 178 -16.31 -10.19 -28.70
C ILE A 178 -17.67 -9.54 -28.91
N GLY A 179 -17.87 -8.83 -30.02
CA GLY A 179 -19.15 -8.24 -30.35
C GLY A 179 -19.36 -6.92 -29.64
N ARG A 180 -19.43 -6.97 -28.32
CA ARG A 180 -19.51 -5.77 -27.50
C ARG A 180 -19.25 -6.16 -26.06
N GLY A 181 -18.45 -5.36 -25.37
CA GLY A 181 -18.21 -5.59 -23.97
C GLY A 181 -16.74 -5.59 -23.60
N THR A 182 -16.40 -6.27 -22.52
CA THR A 182 -15.04 -6.24 -21.99
C THR A 182 -14.70 -7.60 -21.42
N LYS A 183 -13.46 -8.01 -21.63
CA LYS A 183 -12.93 -9.25 -21.10
C LYS A 183 -11.69 -8.89 -20.28
N VAL A 184 -11.76 -9.17 -18.97
CA VAL A 184 -10.66 -8.90 -18.06
C VAL A 184 -9.99 -10.23 -17.76
N ILE A 185 -8.73 -10.38 -18.19
CA ILE A 185 -7.99 -11.62 -18.09
C ILE A 185 -6.92 -11.44 -17.03
N LEU A 186 -7.04 -12.20 -15.95
CA LEU A 186 -6.10 -12.15 -14.84
C LEU A 186 -5.11 -13.29 -14.97
N HIS A 187 -3.83 -12.96 -15.10
CA HIS A 187 -2.76 -13.95 -15.05
C HIS A 187 -2.34 -14.09 -13.60
N LEU A 188 -2.73 -15.21 -12.98
CA LEU A 188 -2.70 -15.29 -11.53
C LEU A 188 -1.29 -15.50 -10.98
N LYS A 189 -1.06 -14.94 -9.80
CA LYS A 189 0.16 -15.22 -9.06
C LYS A 189 0.20 -16.69 -8.64
N GLU A 190 1.42 -17.19 -8.45
CA GLU A 190 1.59 -18.60 -8.13
C GLU A 190 0.85 -18.96 -6.85
N ASP A 191 0.87 -18.09 -5.86
CA ASP A 191 0.25 -18.36 -4.56
C ASP A 191 -1.25 -18.10 -4.53
N GLN A 192 -1.87 -17.74 -5.66
CA GLN A 192 -3.30 -17.41 -5.68
C GLN A 192 -4.08 -18.30 -6.64
N THR A 193 -3.58 -19.51 -6.93
CA THR A 193 -4.25 -20.39 -7.87
C THR A 193 -5.52 -21.01 -7.30
N GLU A 194 -5.84 -20.76 -6.02
CA GLU A 194 -7.11 -21.26 -5.47
C GLU A 194 -8.30 -20.73 -6.25
N TYR A 195 -8.16 -19.58 -6.91
CA TYR A 195 -9.26 -18.99 -7.67
C TYR A 195 -9.39 -19.59 -9.07
N LEU A 196 -8.67 -20.67 -9.35
CA LEU A 196 -8.90 -21.48 -10.54
C LEU A 196 -9.84 -22.65 -10.26
N GLU A 197 -10.22 -22.87 -9.01
CA GLU A 197 -11.09 -23.97 -8.60
C GLU A 197 -12.53 -23.51 -8.53
N GLU A 198 -13.42 -24.27 -9.16
CA GLU A 198 -14.88 -23.93 -9.20
C GLU A 198 -15.44 -23.84 -7.77
N ARG A 199 -14.96 -24.70 -6.87
CA ARG A 199 -15.44 -24.72 -5.46
C ARG A 199 -15.14 -23.37 -4.78
N ARG A 200 -13.97 -22.80 -5.06
CA ARG A 200 -13.57 -21.53 -4.45
C ARG A 200 -14.30 -20.36 -5.10
N VAL A 201 -14.34 -20.32 -6.44
CA VAL A 201 -14.98 -19.20 -7.13
C VAL A 201 -16.44 -19.08 -6.74
N LYS A 202 -17.16 -20.21 -6.70
CA LYS A 202 -18.56 -20.17 -6.29
C LYS A 202 -18.71 -19.61 -4.89
N GLU A 203 -17.89 -20.08 -3.95
CA GLU A 203 -17.93 -19.56 -2.59
C GLU A 203 -17.85 -18.04 -2.56
N VAL A 204 -16.96 -17.46 -3.38
CA VAL A 204 -16.77 -16.01 -3.36
C VAL A 204 -17.97 -15.31 -3.98
N VAL A 205 -18.49 -15.83 -5.10
CA VAL A 205 -19.65 -15.20 -5.72
C VAL A 205 -20.85 -15.25 -4.77
N LYS A 206 -21.08 -16.41 -4.14
CA LYS A 206 -22.22 -16.53 -3.24
C LYS A 206 -22.07 -15.59 -2.05
N LYS A 207 -20.83 -15.42 -1.56
CA LYS A 207 -20.62 -14.56 -0.39
C LYS A 207 -20.76 -13.09 -0.74
N HIS A 208 -20.25 -12.67 -1.90
CA HIS A 208 -20.05 -11.25 -2.18
C HIS A 208 -20.94 -10.70 -3.28
N SER A 209 -21.42 -11.53 -4.20
CA SER A 209 -22.10 -11.06 -5.39
C SER A 209 -23.44 -11.75 -5.57
N GLN A 210 -24.10 -12.09 -4.45
CA GLN A 210 -25.31 -12.89 -4.49
C GLN A 210 -26.54 -12.10 -4.92
N PHE A 211 -26.44 -10.78 -5.03
CA PHE A 211 -27.58 -9.96 -5.41
C PHE A 211 -27.21 -9.01 -6.55
N ILE A 212 -26.31 -9.45 -7.42
CA ILE A 212 -26.06 -8.77 -8.69
C ILE A 212 -27.21 -9.02 -9.65
N GLY A 213 -27.59 -8.00 -10.39
CA GLY A 213 -28.78 -8.07 -11.23
C GLY A 213 -28.56 -8.63 -12.61
N TYR A 214 -27.58 -9.53 -12.77
CA TYR A 214 -27.28 -10.12 -14.06
C TYR A 214 -26.83 -11.55 -13.85
N PRO A 215 -27.05 -12.44 -14.82
CA PRO A 215 -26.62 -13.83 -14.66
C PRO A 215 -25.10 -13.96 -14.70
N ILE A 216 -24.57 -14.76 -13.79
CA ILE A 216 -23.14 -15.07 -13.74
C ILE A 216 -22.97 -16.55 -14.01
N THR A 217 -22.31 -16.88 -15.12
CA THR A 217 -22.08 -18.26 -15.52
C THR A 217 -20.60 -18.61 -15.35
N LEU A 218 -20.33 -19.77 -14.75
CA LEU A 218 -18.99 -20.27 -14.51
C LEU A 218 -18.67 -21.38 -15.49
N TYR A 219 -17.55 -21.24 -16.19
CA TYR A 219 -17.13 -22.17 -17.24
C TYR A 219 -15.86 -22.90 -16.82
N LEU A 220 -15.95 -24.22 -16.65
CA LEU A 220 -14.75 -25.03 -16.43
C LEU A 220 -14.38 -25.75 -17.72
N SER B 2 45.51 -55.91 4.11
CA SER B 2 44.81 -54.80 4.82
C SER B 2 43.54 -55.32 5.49
N HIS B 3 43.15 -54.71 6.61
CA HIS B 3 41.93 -55.12 7.35
C HIS B 3 40.77 -54.18 7.01
N MET B 4 39.70 -54.21 7.81
CA MET B 4 38.52 -53.34 7.58
C MET B 4 38.18 -52.60 8.89
N PRO B 5 38.94 -51.54 9.26
CA PRO B 5 38.68 -50.80 10.50
C PRO B 5 37.32 -50.10 10.49
N GLU B 6 36.61 -49.94 11.57
CA GLU B 6 35.39 -49.20 11.46
C GLU B 6 35.45 -48.08 12.47
N GLU B 7 35.30 -46.84 12.04
CA GLU B 7 35.37 -45.78 13.01
C GLU B 7 34.01 -45.58 13.55
N VAL B 8 33.72 -46.28 14.61
CA VAL B 8 32.43 -46.29 15.23
C VAL B 8 31.96 -45.00 15.83
N HIS B 9 32.89 -44.18 16.27
CA HIS B 9 32.59 -42.86 16.86
C HIS B 9 33.62 -41.81 16.45
N HIS B 10 33.20 -40.88 15.60
CA HIS B 10 34.09 -39.83 15.13
C HIS B 10 34.52 -38.97 16.30
N GLY B 11 33.56 -38.74 17.21
CA GLY B 11 33.78 -37.90 18.37
C GLY B 11 32.78 -36.78 18.20
N GLU B 12 33.28 -35.58 17.91
CA GLU B 12 32.39 -34.46 17.70
C GLU B 12 31.63 -34.67 16.40
N GLU B 13 30.32 -34.40 16.42
CA GLU B 13 29.46 -34.52 15.26
C GLU B 13 29.89 -33.52 14.20
N GLU B 14 30.21 -34.02 13.01
CA GLU B 14 30.74 -33.16 11.96
C GLU B 14 29.64 -32.27 11.38
N VAL B 15 28.53 -32.87 10.94
CA VAL B 15 27.40 -32.13 10.40
C VAL B 15 26.29 -32.13 11.44
N GLU B 16 25.85 -30.93 11.83
CA GLU B 16 24.79 -30.76 12.82
C GLU B 16 23.60 -30.08 12.18
N THR B 17 22.40 -30.62 12.40
CA THR B 17 21.16 -30.07 11.86
C THR B 17 20.30 -29.52 12.99
N PHE B 18 19.73 -28.34 12.77
CA PHE B 18 18.91 -27.68 13.77
C PHE B 18 17.67 -27.08 13.10
N ALA B 19 16.62 -26.91 13.89
CA ALA B 19 15.41 -26.26 13.41
C ALA B 19 15.49 -24.75 13.65
N PHE B 20 15.00 -23.99 12.68
CA PHE B 20 14.79 -22.55 12.89
C PHE B 20 13.76 -22.32 13.98
N GLN B 21 13.89 -21.20 14.68
CA GLN B 21 12.77 -20.73 15.48
C GLN B 21 11.54 -20.57 14.59
N ALA B 22 10.37 -20.88 15.13
CA ALA B 22 9.16 -20.94 14.31
C ALA B 22 8.96 -19.66 13.51
N GLU B 23 9.21 -18.51 14.13
CA GLU B 23 8.96 -17.23 13.46
C GLU B 23 9.86 -17.04 12.25
N ILE B 24 11.11 -17.50 12.33
CA ILE B 24 12.02 -17.41 11.19
C ILE B 24 11.53 -18.29 10.06
N ALA B 25 11.13 -19.53 10.39
CA ALA B 25 10.63 -20.45 9.37
C ALA B 25 9.37 -19.88 8.71
N GLN B 26 8.51 -19.24 9.49
CA GLN B 26 7.30 -18.64 8.94
C GLN B 26 7.64 -17.54 7.93
N LEU B 27 8.61 -16.68 8.27
CA LEU B 27 8.99 -15.63 7.33
C LEU B 27 9.64 -16.20 6.08
N MET B 28 10.51 -17.20 6.23
CA MET B 28 11.11 -17.81 5.05
C MET B 28 10.04 -18.38 4.12
N SER B 29 9.01 -19.01 4.69
CA SER B 29 7.94 -19.55 3.86
C SER B 29 7.19 -18.43 3.15
N LEU B 30 6.88 -17.34 3.87
CA LEU B 30 6.26 -16.19 3.22
C LEU B 30 7.11 -15.68 2.06
N ILE B 31 8.43 -15.59 2.27
CA ILE B 31 9.31 -15.05 1.23
C ILE B 31 9.35 -15.98 0.03
N ILE B 32 9.38 -17.29 0.27
CA ILE B 32 9.56 -18.24 -0.82
C ILE B 32 8.28 -18.40 -1.63
N ASN B 33 7.13 -18.24 -1.00
CA ASN B 33 5.88 -18.63 -1.63
C ASN B 33 4.98 -17.46 -2.04
N THR B 34 5.30 -16.23 -1.64
CA THR B 34 4.45 -15.09 -1.94
C THR B 34 5.07 -14.26 -3.06
N PHE B 35 4.21 -13.77 -3.96
CA PHE B 35 4.69 -12.95 -5.07
C PHE B 35 5.23 -11.62 -4.56
N TYR B 36 6.31 -11.16 -5.17
CA TYR B 36 6.82 -9.81 -4.97
C TYR B 36 7.26 -9.30 -6.34
N SER B 37 6.88 -8.06 -6.67
CA SER B 37 7.12 -7.50 -8.00
C SER B 37 8.51 -6.95 -8.20
N ASN B 38 9.37 -7.03 -7.18
CA ASN B 38 10.73 -6.45 -7.30
C ASN B 38 11.68 -7.31 -6.48
N LYS B 39 11.90 -8.55 -6.91
CA LYS B 39 12.74 -9.45 -6.15
C LYS B 39 14.21 -9.04 -6.19
N GLU B 40 14.60 -8.14 -7.10
CA GLU B 40 16.00 -7.71 -7.19
C GLU B 40 16.51 -7.14 -5.88
N ILE B 41 15.63 -6.73 -4.97
CA ILE B 41 16.07 -6.14 -3.71
C ILE B 41 16.87 -7.13 -2.87
N PHE B 42 16.81 -8.42 -3.19
CA PHE B 42 17.64 -9.38 -2.44
C PHE B 42 19.10 -8.96 -2.50
N LEU B 43 19.56 -8.45 -3.64
CA LEU B 43 20.97 -8.07 -3.76
C LEU B 43 21.29 -6.86 -2.90
N ARG B 44 20.37 -5.89 -2.85
CA ARG B 44 20.56 -4.74 -1.96
C ARG B 44 20.74 -5.19 -0.52
N GLU B 45 19.89 -6.12 -0.07
CA GLU B 45 19.94 -6.54 1.32
C GLU B 45 21.24 -7.27 1.64
N LEU B 46 21.72 -8.10 0.72
CA LEU B 46 22.95 -8.85 0.98
C LEU B 46 24.16 -7.93 0.90
N ILE B 47 24.17 -6.96 -0.03
CA ILE B 47 25.26 -6.00 -0.07
C ILE B 47 25.25 -5.14 1.18
N SER B 48 24.07 -4.77 1.68
CA SER B 48 24.00 -4.00 2.91
C SER B 48 24.54 -4.79 4.09
N ASN B 49 24.22 -6.09 4.16
CA ASN B 49 24.79 -6.93 5.20
C ASN B 49 26.32 -6.99 5.09
N ALA B 50 26.82 -7.13 3.86
CA ALA B 50 28.27 -7.17 3.66
C ALA B 50 28.93 -5.87 4.13
N SER B 51 28.34 -4.73 3.76
CA SER B 51 28.86 -3.44 4.19
C SER B 51 28.88 -3.32 5.71
N ASP B 52 27.79 -3.77 6.36
CA ASP B 52 27.73 -3.73 7.83
C ASP B 52 28.83 -4.58 8.45
N ALA B 53 29.09 -5.76 7.86
CA ALA B 53 30.16 -6.62 8.35
C ALA B 53 31.52 -5.96 8.18
N LEU B 54 31.72 -5.25 7.07
CA LEU B 54 32.98 -4.55 6.85
C LEU B 54 33.12 -3.38 7.82
N ASP B 55 32.04 -2.63 8.06
CA ASP B 55 32.06 -1.60 9.09
C ASP B 55 32.51 -2.17 10.43
N LYS B 56 32.05 -3.37 10.77
CA LYS B 56 32.33 -3.93 12.09
C LYS B 56 33.81 -4.26 12.26
N ILE B 57 34.42 -4.90 11.25
CA ILE B 57 35.83 -5.24 11.39
C ILE B 57 36.68 -3.97 11.41
N ARG B 58 36.31 -2.98 10.61
CA ARG B 58 36.97 -1.69 10.67
C ARG B 58 36.83 -1.08 12.06
N TYR B 59 35.60 -1.07 12.59
CA TYR B 59 35.35 -0.61 13.95
C TYR B 59 36.32 -1.26 14.94
N GLU B 60 36.38 -2.60 14.94
CA GLU B 60 37.24 -3.30 15.89
C GLU B 60 38.71 -3.04 15.63
N SER B 61 39.09 -2.79 14.37
CA SER B 61 40.49 -2.60 14.03
C SER B 61 41.07 -1.30 14.59
N LEU B 62 40.23 -0.30 14.87
CA LEU B 62 40.76 0.94 15.44
C LEU B 62 41.38 0.71 16.81
N THR B 63 40.86 -0.24 17.58
CA THR B 63 41.41 -0.55 18.89
C THR B 63 42.43 -1.67 18.84
N ASP B 64 42.46 -2.46 17.77
CA ASP B 64 43.34 -3.62 17.69
C ASP B 64 43.68 -3.87 16.23
N PRO B 65 44.70 -3.17 15.70
CA PRO B 65 45.04 -3.35 14.28
C PRO B 65 45.41 -4.77 13.91
N SER B 66 45.80 -5.61 14.87
CA SER B 66 46.16 -6.99 14.55
C SER B 66 44.98 -7.79 14.04
N LYS B 67 43.75 -7.33 14.27
CA LYS B 67 42.57 -8.01 13.75
C LYS B 67 42.50 -7.97 12.23
N LEU B 68 43.31 -7.14 11.60
CA LEU B 68 43.40 -7.08 10.15
C LEU B 68 44.54 -7.95 9.61
N ASP B 69 45.21 -8.71 10.48
CA ASP B 69 46.25 -9.63 10.01
C ASP B 69 45.67 -10.70 9.09
N SER B 70 44.42 -11.08 9.31
CA SER B 70 43.76 -12.03 8.43
C SER B 70 43.39 -11.43 7.07
N GLY B 71 43.69 -10.15 6.84
CA GLY B 71 43.38 -9.51 5.58
C GLY B 71 43.12 -8.03 5.73
N LYS B 72 43.84 -7.21 4.95
CA LYS B 72 43.74 -5.76 5.09
C LYS B 72 42.64 -5.16 4.21
N GLU B 73 42.41 -5.73 3.03
CA GLU B 73 41.44 -5.14 2.11
C GLU B 73 40.02 -5.36 2.60
N LEU B 74 39.21 -4.31 2.50
CA LEU B 74 37.79 -4.35 2.86
C LEU B 74 37.01 -4.18 1.56
N LYS B 75 36.44 -5.28 1.07
CA LYS B 75 35.87 -5.29 -0.27
C LYS B 75 34.69 -6.26 -0.35
N ILE B 76 33.95 -6.14 -1.44
CA ILE B 76 32.83 -7.01 -1.75
C ILE B 76 33.01 -7.54 -3.18
N ASP B 77 32.84 -8.84 -3.37
CA ASP B 77 32.91 -9.47 -4.68
C ASP B 77 31.63 -10.23 -4.99
N ILE B 78 31.16 -10.12 -6.24
CA ILE B 78 29.96 -10.81 -6.70
C ILE B 78 30.34 -11.69 -7.88
N ILE B 79 30.02 -12.98 -7.78
CA ILE B 79 30.46 -13.97 -8.77
C ILE B 79 29.27 -14.76 -9.30
N PRO B 80 28.74 -14.43 -10.47
CA PRO B 80 27.72 -15.30 -11.09
C PRO B 80 28.36 -16.49 -11.79
N ASN B 81 27.68 -17.64 -11.68
CA ASN B 81 28.12 -18.89 -12.30
C ASN B 81 26.91 -19.46 -13.01
N PRO B 82 26.75 -19.18 -14.31
CA PRO B 82 25.51 -19.59 -14.99
C PRO B 82 25.32 -21.10 -15.08
N GLN B 83 26.39 -21.89 -15.12
CA GLN B 83 26.24 -23.34 -15.27
C GLN B 83 25.72 -23.98 -13.99
N GLU B 84 26.32 -23.65 -12.84
CA GLU B 84 25.88 -24.19 -11.56
C GLU B 84 24.74 -23.38 -10.95
N ARG B 85 24.31 -22.32 -11.62
CA ARG B 85 23.21 -21.47 -11.17
C ARG B 85 23.45 -20.94 -9.77
N THR B 86 24.66 -20.45 -9.54
CA THR B 86 25.01 -19.83 -8.27
C THR B 86 25.36 -18.37 -8.48
N LEU B 87 24.96 -17.55 -7.52
CA LEU B 87 25.40 -16.17 -7.41
C LEU B 87 26.01 -16.05 -6.02
N THR B 88 27.30 -15.71 -5.97
CA THR B 88 28.06 -15.70 -4.72
C THR B 88 28.40 -14.26 -4.36
N LEU B 89 28.19 -13.92 -3.10
CA LEU B 89 28.52 -12.61 -2.55
C LEU B 89 29.57 -12.79 -1.47
N VAL B 90 30.76 -12.25 -1.69
CA VAL B 90 31.88 -12.40 -0.76
C VAL B 90 32.19 -11.05 -0.14
N ASP B 91 32.40 -11.04 1.17
CA ASP B 91 32.90 -9.86 1.86
C ASP B 91 34.05 -10.26 2.77
N THR B 92 34.96 -9.31 3.00
CA THR B 92 36.08 -9.50 3.92
C THR B 92 35.80 -8.84 5.26
N GLY B 93 34.56 -8.96 5.76
CA GLY B 93 34.16 -8.34 7.00
C GLY B 93 34.53 -9.15 8.23
N ILE B 94 33.75 -8.93 9.30
CA ILE B 94 34.08 -9.48 10.61
C ILE B 94 33.95 -11.00 10.63
N GLY B 95 33.08 -11.57 9.80
CA GLY B 95 32.81 -12.99 9.83
C GLY B 95 32.02 -13.38 11.07
N MET B 96 31.77 -14.69 11.19
CA MET B 96 30.98 -15.25 12.28
C MET B 96 31.68 -16.47 12.85
N THR B 97 31.75 -16.54 14.18
CA THR B 97 32.13 -17.78 14.85
C THR B 97 31.02 -18.81 14.67
N LYS B 98 31.33 -20.05 15.02
CA LYS B 98 30.32 -21.11 14.95
C LYS B 98 29.10 -20.74 15.79
N ALA B 99 29.35 -20.27 17.02
CA ALA B 99 28.24 -19.92 17.91
C ALA B 99 27.37 -18.82 17.31
N ASP B 100 27.99 -17.76 16.79
CA ASP B 100 27.23 -16.68 16.17
C ASP B 100 26.54 -17.14 14.89
N LEU B 101 27.15 -18.06 14.16
CA LEU B 101 26.53 -18.57 12.94
C LEU B 101 25.22 -19.27 13.25
N ILE B 102 25.24 -20.17 14.24
CA ILE B 102 24.02 -20.87 14.65
C ILE B 102 23.02 -19.88 15.23
N ASN B 103 23.50 -18.98 16.09
CA ASN B 103 22.60 -18.06 16.77
C ASN B 103 22.02 -17.03 15.80
N ASN B 104 22.87 -16.39 14.99
CA ASN B 104 22.43 -15.25 14.20
C ASN B 104 21.48 -15.66 13.08
N LEU B 105 21.74 -16.79 12.43
CA LEU B 105 20.89 -17.21 11.31
C LEU B 105 19.77 -18.14 11.72
N GLY B 106 19.89 -18.80 12.87
CA GLY B 106 18.91 -19.81 13.24
C GLY B 106 17.99 -19.45 14.40
N THR B 107 18.35 -18.44 15.19
CA THR B 107 17.68 -18.26 16.48
C THR B 107 17.33 -16.81 16.82
N ILE B 108 18.33 -15.94 16.99
CA ILE B 108 18.01 -14.60 17.50
C ILE B 108 17.32 -13.72 16.47
N ALA B 109 17.31 -14.12 15.20
CA ALA B 109 16.47 -13.41 14.22
C ALA B 109 14.99 -13.53 14.54
N LYS B 110 14.63 -14.32 15.56
CA LYS B 110 13.22 -14.48 15.94
C LYS B 110 12.55 -13.13 16.13
N SER B 111 13.17 -12.24 16.92
CA SER B 111 12.51 -10.99 17.25
C SER B 111 12.30 -10.12 16.02
N GLY B 112 13.32 -10.03 15.15
CA GLY B 112 13.18 -9.22 13.95
C GLY B 112 12.14 -9.77 13.00
N THR B 113 12.14 -11.09 12.77
CA THR B 113 11.19 -11.68 11.85
C THR B 113 9.76 -11.58 12.40
N LYS B 114 9.60 -11.76 13.71
CA LYS B 114 8.28 -11.62 14.31
C LYS B 114 7.76 -10.19 14.16
N ALA B 115 8.59 -9.21 14.51
CA ALA B 115 8.17 -7.81 14.39
C ALA B 115 7.91 -7.46 12.93
N PHE B 116 8.69 -8.00 12.01
CA PHE B 116 8.50 -7.70 10.59
C PHE B 116 7.17 -8.26 10.10
N MET B 117 6.83 -9.48 10.50
CA MET B 117 5.57 -10.06 10.05
C MET B 117 4.39 -9.29 10.64
N GLU B 118 4.52 -8.82 11.88
CA GLU B 118 3.52 -7.93 12.45
C GLU B 118 3.39 -6.66 11.63
N ALA B 119 4.53 -6.09 11.21
CA ALA B 119 4.48 -4.90 10.36
C ALA B 119 3.83 -5.21 9.01
N LEU B 120 4.10 -6.39 8.45
CA LEU B 120 3.49 -6.77 7.18
C LEU B 120 1.97 -6.83 7.31
N GLN B 121 1.46 -7.43 8.39
CA GLN B 121 0.02 -7.48 8.59
C GLN B 121 -0.58 -6.08 8.71
N ALA B 122 0.21 -5.11 9.16
CA ALA B 122 -0.27 -3.75 9.33
C ALA B 122 -0.02 -2.88 8.09
N GLY B 123 0.45 -3.48 6.99
CA GLY B 123 0.57 -2.79 5.72
C GLY B 123 1.98 -2.61 5.19
N ALA B 124 3.01 -3.09 5.88
CA ALA B 124 4.35 -3.06 5.31
C ALA B 124 4.48 -4.09 4.18
N ASP B 125 5.55 -3.98 3.40
CA ASP B 125 5.82 -4.88 2.30
C ASP B 125 7.22 -5.46 2.44
N ILE B 126 7.50 -6.42 1.58
CA ILE B 126 8.72 -7.17 1.61
C ILE B 126 9.99 -6.33 1.50
N SER B 127 9.93 -5.21 0.82
CA SER B 127 11.10 -4.34 0.66
C SER B 127 11.67 -3.71 1.94
N MET B 128 10.86 -3.62 2.97
CA MET B 128 11.23 -3.07 4.23
C MET B 128 11.97 -4.07 5.17
N ILE B 129 12.28 -5.27 4.69
CA ILE B 129 12.81 -6.33 5.55
C ILE B 129 14.10 -5.88 6.24
N GLY B 130 14.94 -5.09 5.56
CA GLY B 130 16.18 -4.65 6.15
C GLY B 130 15.99 -3.74 7.36
N GLN B 131 14.85 -3.06 7.43
CA GLN B 131 14.61 -2.18 8.57
C GLN B 131 14.30 -2.96 9.85
N PHE B 132 14.18 -4.28 9.77
CA PHE B 132 13.98 -5.14 10.92
C PHE B 132 15.19 -6.04 11.19
N GLY B 133 16.29 -5.81 10.50
CA GLY B 133 17.54 -6.51 10.76
C GLY B 133 17.60 -7.92 10.24
N VAL B 134 16.69 -8.33 9.35
CA VAL B 134 16.62 -9.72 8.91
C VAL B 134 16.59 -9.80 7.39
N GLY B 135 17.22 -8.82 6.73
CA GLY B 135 17.26 -8.81 5.28
C GLY B 135 17.92 -10.03 4.67
N PHE B 136 18.77 -10.73 5.44
CA PHE B 136 19.41 -11.93 4.93
C PHE B 136 18.39 -12.87 4.28
N TYR B 137 17.23 -13.04 4.89
CA TYR B 137 16.27 -14.02 4.39
C TYR B 137 15.64 -13.62 3.06
N SER B 138 15.83 -12.37 2.61
CA SER B 138 15.35 -12.01 1.28
C SER B 138 16.05 -12.80 0.18
N ALA B 139 17.19 -13.44 0.49
CA ALA B 139 17.85 -14.30 -0.48
C ALA B 139 16.91 -15.36 -1.03
N TYR B 140 15.96 -15.81 -0.22
CA TYR B 140 15.03 -16.84 -0.66
C TYR B 140 13.94 -16.32 -1.58
N LEU B 141 13.95 -15.02 -1.90
CA LEU B 141 13.13 -14.55 -3.01
C LEU B 141 13.59 -15.18 -4.32
N VAL B 142 14.88 -15.42 -4.47
CA VAL B 142 15.43 -15.92 -5.73
C VAL B 142 16.17 -17.23 -5.59
N ALA B 143 16.53 -17.66 -4.38
CA ALA B 143 17.32 -18.86 -4.18
C ALA B 143 16.47 -19.97 -3.57
N GLU B 144 16.65 -21.19 -4.06
CA GLU B 144 16.06 -22.37 -3.44
C GLU B 144 16.93 -22.93 -2.32
N LYS B 145 18.22 -22.61 -2.33
CA LYS B 145 19.14 -23.02 -1.28
C LYS B 145 20.20 -21.95 -1.13
N VAL B 146 20.61 -21.70 0.11
CA VAL B 146 21.62 -20.72 0.44
C VAL B 146 22.70 -21.39 1.29
N VAL B 147 23.96 -21.18 0.91
CA VAL B 147 25.11 -21.65 1.67
C VAL B 147 25.90 -20.44 2.13
N VAL B 148 26.31 -20.46 3.39
CA VAL B 148 27.10 -19.38 3.98
C VAL B 148 28.40 -19.98 4.49
N ILE B 149 29.52 -19.54 3.95
CA ILE B 149 30.85 -19.88 4.43
C ILE B 149 31.38 -18.67 5.16
N THR B 150 31.89 -18.87 6.39
CA THR B 150 32.29 -17.73 7.20
C THR B 150 33.53 -18.06 8.01
N LYS B 151 34.34 -17.03 8.25
CA LYS B 151 35.58 -17.14 9.01
C LYS B 151 35.72 -15.91 9.88
N HIS B 152 35.71 -16.11 11.20
CA HIS B 152 35.94 -15.06 12.19
C HIS B 152 37.32 -15.27 12.80
N ASN B 153 37.98 -14.16 13.17
CA ASN B 153 39.34 -14.25 13.70
C ASN B 153 39.45 -15.19 14.89
N ASP B 154 38.37 -15.36 15.65
CA ASP B 154 38.41 -16.11 16.90
C ASP B 154 37.96 -17.56 16.73
N ASP B 155 37.82 -18.03 15.50
CA ASP B 155 37.31 -19.38 15.28
C ASP B 155 37.76 -19.84 13.91
N GLU B 156 37.51 -21.11 13.61
CA GLU B 156 37.84 -21.65 12.29
C GLU B 156 36.67 -21.50 11.33
N GLN B 157 36.95 -21.81 10.06
CA GLN B 157 35.97 -21.60 9.01
C GLN B 157 34.84 -22.62 9.11
N TYR B 158 33.60 -22.13 8.96
CA TYR B 158 32.42 -22.96 9.09
C TYR B 158 31.47 -22.69 7.93
N ALA B 159 30.61 -23.67 7.66
CA ALA B 159 29.65 -23.61 6.58
C ALA B 159 28.25 -23.81 7.13
N TRP B 160 27.31 -22.97 6.67
CA TRP B 160 25.90 -23.04 7.02
C TRP B 160 25.11 -23.21 5.73
N GLU B 161 23.99 -23.93 5.80
CA GLU B 161 23.17 -24.06 4.60
C GLU B 161 21.75 -24.40 5.00
N SER B 162 20.80 -23.98 4.16
CA SER B 162 19.40 -24.27 4.35
C SER B 162 18.67 -24.18 3.02
N SER B 163 17.79 -25.15 2.77
CA SER B 163 16.83 -25.09 1.69
C SER B 163 15.42 -24.73 2.18
N ALA B 164 15.33 -24.10 3.35
CA ALA B 164 14.09 -23.52 3.84
C ALA B 164 13.01 -24.58 4.08
N GLY B 165 13.41 -25.73 4.59
CA GLY B 165 12.47 -26.74 5.02
C GLY B 165 12.15 -26.67 6.51
N GLY B 166 12.49 -25.58 7.19
CA GLY B 166 12.37 -25.49 8.62
C GLY B 166 13.65 -25.81 9.36
N SER B 167 14.69 -26.27 8.67
CA SER B 167 15.94 -26.67 9.30
C SER B 167 17.12 -26.12 8.54
N PHE B 168 18.27 -26.11 9.21
CA PHE B 168 19.55 -25.72 8.63
C PHE B 168 20.62 -26.63 9.20
N THR B 169 21.77 -26.66 8.53
CA THR B 169 22.90 -27.44 8.99
C THR B 169 24.14 -26.57 9.08
N VAL B 170 25.03 -26.93 10.00
CA VAL B 170 26.33 -26.27 10.15
C VAL B 170 27.40 -27.34 10.25
N ARG B 171 28.56 -27.07 9.69
CA ARG B 171 29.66 -28.00 9.72
C ARG B 171 30.96 -27.22 9.53
N ALA B 172 32.03 -27.73 10.12
CA ALA B 172 33.35 -27.18 9.86
C ALA B 172 33.59 -27.20 8.36
N ASP B 173 34.12 -26.09 7.84
CA ASP B 173 34.31 -25.93 6.40
C ASP B 173 35.78 -26.13 6.09
N HIS B 174 36.08 -27.19 5.36
CA HIS B 174 37.42 -27.46 4.88
C HIS B 174 37.60 -27.06 3.42
N GLY B 175 36.79 -26.12 2.94
CA GLY B 175 36.94 -25.61 1.59
C GLY B 175 38.04 -24.57 1.51
N GLU B 176 38.02 -23.81 0.41
CA GLU B 176 39.01 -22.77 0.19
C GLU B 176 39.02 -21.81 1.38
N PRO B 177 40.16 -21.62 2.06
CA PRO B 177 40.17 -20.66 3.17
C PRO B 177 39.93 -19.24 2.65
N ILE B 178 39.03 -18.52 3.32
CA ILE B 178 38.70 -17.16 2.92
C ILE B 178 39.43 -16.11 3.74
N GLY B 179 40.23 -16.54 4.72
CA GLY B 179 41.02 -15.62 5.51
C GLY B 179 40.22 -14.96 6.61
N ARG B 180 39.24 -14.14 6.20
CA ARG B 180 38.30 -13.53 7.13
C ARG B 180 37.14 -12.98 6.33
N GLY B 181 35.93 -13.21 6.83
CA GLY B 181 34.75 -12.66 6.17
C GLY B 181 33.68 -13.70 5.95
N THR B 182 32.84 -13.47 4.96
CA THR B 182 31.70 -14.32 4.71
C THR B 182 31.43 -14.44 3.22
N LYS B 183 31.03 -15.64 2.81
CA LYS B 183 30.66 -15.96 1.44
C LYS B 183 29.23 -16.47 1.47
N VAL B 184 28.32 -15.74 0.79
CA VAL B 184 26.93 -16.13 0.67
C VAL B 184 26.69 -16.66 -0.73
N ILE B 185 26.34 -17.94 -0.84
CA ILE B 185 26.17 -18.62 -2.12
C ILE B 185 24.69 -18.89 -2.31
N LEU B 186 24.10 -18.28 -3.33
CA LEU B 186 22.69 -18.45 -3.66
C LEU B 186 22.56 -19.45 -4.80
N HIS B 187 21.84 -20.55 -4.56
CA HIS B 187 21.48 -21.48 -5.62
C HIS B 187 20.11 -21.06 -6.16
N LEU B 188 20.10 -20.47 -7.35
CA LEU B 188 18.94 -19.76 -7.84
C LEU B 188 17.85 -20.70 -8.36
N LYS B 189 16.60 -20.27 -8.18
CA LYS B 189 15.47 -20.93 -8.82
C LYS B 189 15.56 -20.73 -10.33
N GLU B 190 14.96 -21.65 -11.08
CA GLU B 190 15.09 -21.60 -12.54
C GLU B 190 14.54 -20.30 -13.12
N ASP B 191 13.43 -19.81 -12.58
CA ASP B 191 12.80 -18.61 -13.13
C ASP B 191 13.47 -17.32 -12.66
N GLN B 192 14.58 -17.41 -11.92
CA GLN B 192 15.29 -16.24 -11.42
C GLN B 192 16.72 -16.19 -11.92
N THR B 193 17.02 -16.86 -13.03
CA THR B 193 18.38 -16.92 -13.56
C THR B 193 18.80 -15.61 -14.23
N GLU B 194 17.90 -14.64 -14.36
CA GLU B 194 18.31 -13.36 -14.92
C GLU B 194 19.44 -12.73 -14.11
N TYR B 195 19.55 -13.06 -12.83
CA TYR B 195 20.59 -12.49 -11.99
C TYR B 195 21.93 -13.19 -12.16
N LEU B 196 22.03 -14.10 -13.13
CA LEU B 196 23.30 -14.66 -13.56
C LEU B 196 23.85 -13.94 -14.78
N GLU B 197 23.12 -12.97 -15.32
CA GLU B 197 23.52 -12.25 -16.53
C GLU B 197 24.30 -10.99 -16.18
N GLU B 198 25.19 -10.61 -17.09
CA GLU B 198 26.08 -9.48 -16.84
C GLU B 198 25.30 -8.17 -16.79
N ARG B 199 24.46 -7.94 -17.79
CA ARG B 199 23.67 -6.72 -17.85
C ARG B 199 22.82 -6.54 -16.59
N ARG B 200 22.23 -7.63 -16.09
CA ARG B 200 21.24 -7.52 -15.04
C ARG B 200 21.88 -7.20 -13.70
N VAL B 201 22.94 -7.93 -13.34
CA VAL B 201 23.59 -7.68 -12.05
C VAL B 201 24.08 -6.24 -11.98
N LYS B 202 24.69 -5.75 -13.06
CA LYS B 202 25.16 -4.37 -13.09
C LYS B 202 24.01 -3.40 -12.85
N GLU B 203 22.90 -3.59 -13.57
CA GLU B 203 21.73 -2.75 -13.41
C GLU B 203 21.28 -2.69 -11.96
N VAL B 204 21.25 -3.84 -11.28
CA VAL B 204 20.76 -3.89 -9.90
C VAL B 204 21.75 -3.20 -8.95
N VAL B 205 23.04 -3.49 -9.11
CA VAL B 205 24.03 -2.84 -8.24
C VAL B 205 23.98 -1.33 -8.43
N LYS B 206 23.88 -0.87 -9.69
CA LYS B 206 23.81 0.57 -9.92
C LYS B 206 22.58 1.18 -9.29
N LYS B 207 21.44 0.46 -9.33
CA LYS B 207 20.18 1.02 -8.85
C LYS B 207 20.15 1.12 -7.34
N HIS B 208 20.69 0.12 -6.63
CA HIS B 208 20.45 -0.02 -5.19
C HIS B 208 21.67 0.20 -4.33
N SER B 209 22.88 0.03 -4.85
CA SER B 209 24.06 0.01 -4.00
C SER B 209 25.13 0.95 -4.53
N GLN B 210 24.71 2.05 -5.16
CA GLN B 210 25.63 2.93 -5.86
C GLN B 210 26.43 3.81 -4.91
N PHE B 211 26.11 3.83 -3.61
CA PHE B 211 26.83 4.66 -2.66
C PHE B 211 27.24 3.87 -1.43
N ILE B 212 27.52 2.57 -1.62
CA ILE B 212 28.16 1.76 -0.58
C ILE B 212 29.61 2.18 -0.47
N GLY B 213 30.13 2.21 0.76
CA GLY B 213 31.46 2.73 1.00
C GLY B 213 32.58 1.72 0.83
N TYR B 214 32.40 0.73 -0.04
CA TYR B 214 33.42 -0.28 -0.27
C TYR B 214 33.37 -0.68 -1.73
N PRO B 215 34.50 -1.09 -2.32
CA PRO B 215 34.50 -1.50 -3.73
C PRO B 215 33.75 -2.81 -3.94
N ILE B 216 32.93 -2.83 -5.00
CA ILE B 216 32.19 -4.01 -5.42
C ILE B 216 32.70 -4.42 -6.79
N THR B 217 33.29 -5.61 -6.86
CA THR B 217 33.82 -6.15 -8.11
C THR B 217 32.95 -7.30 -8.60
N LEU B 218 32.61 -7.27 -9.89
CA LEU B 218 31.86 -8.34 -10.53
C LEU B 218 32.81 -9.22 -11.34
N TYR B 219 32.64 -10.53 -11.20
CA TYR B 219 33.53 -11.52 -11.84
C TYR B 219 32.78 -12.35 -12.87
N LEU B 220 32.82 -11.90 -14.12
CA LEU B 220 32.54 -12.74 -15.28
C LEU B 220 32.70 -11.94 -16.56
N GLU C 13 -57.10 2.82 9.14
CA GLU C 13 -57.14 3.44 7.78
C GLU C 13 -56.15 4.60 7.72
N GLU C 14 -56.21 5.53 8.68
CA GLU C 14 -55.28 6.69 8.71
C GLU C 14 -53.85 6.17 8.94
N VAL C 15 -53.61 5.59 10.12
CA VAL C 15 -52.27 5.03 10.47
C VAL C 15 -52.37 3.50 10.38
N GLU C 16 -51.61 2.89 9.46
CA GLU C 16 -51.66 1.44 9.28
C GLU C 16 -50.37 0.83 9.82
N THR C 17 -50.51 -0.19 10.66
CA THR C 17 -49.38 -0.91 11.22
C THR C 17 -49.22 -2.26 10.53
N PHE C 18 -47.97 -2.66 10.32
CA PHE C 18 -47.66 -3.97 9.73
C PHE C 18 -46.44 -4.55 10.43
N ALA C 19 -46.28 -5.86 10.33
CA ALA C 19 -45.15 -6.57 10.89
C ALA C 19 -44.10 -6.81 9.82
N PHE C 20 -42.82 -6.69 10.20
CA PHE C 20 -41.71 -7.08 9.34
C PHE C 20 -41.73 -8.60 9.11
N GLN C 21 -41.30 -9.01 7.92
CA GLN C 21 -40.97 -10.41 7.73
C GLN C 21 -39.99 -10.84 8.81
N ALA C 22 -40.15 -12.08 9.28
CA ALA C 22 -39.38 -12.54 10.44
C ALA C 22 -37.88 -12.32 10.26
N GLU C 23 -37.36 -12.60 9.06
CA GLU C 23 -35.92 -12.48 8.82
C GLU C 23 -35.46 -11.03 8.93
N ILE C 24 -36.29 -10.09 8.48
CA ILE C 24 -35.95 -8.68 8.60
C ILE C 24 -35.90 -8.28 10.08
N ALA C 25 -36.90 -8.70 10.85
CA ALA C 25 -36.93 -8.39 12.29
C ALA C 25 -35.73 -9.01 13.00
N GLN C 26 -35.34 -10.22 12.59
CA GLN C 26 -34.19 -10.87 13.22
C GLN C 26 -32.92 -10.08 12.98
N LEU C 27 -32.73 -9.58 11.76
CA LEU C 27 -31.55 -8.79 11.46
C LEU C 27 -31.55 -7.47 12.22
N MET C 28 -32.72 -6.80 12.27
CA MET C 28 -32.81 -5.54 13.00
C MET C 28 -32.43 -5.72 14.47
N SER C 29 -32.91 -6.80 15.05
CA SER C 29 -32.58 -7.08 16.46
C SER C 29 -31.07 -7.30 16.56
N LEU C 30 -30.52 -8.02 15.61
CA LEU C 30 -29.07 -8.28 15.64
C LEU C 30 -28.31 -6.95 15.48
N ILE C 31 -28.67 -6.13 14.51
CA ILE C 31 -27.96 -4.87 14.29
C ILE C 31 -28.04 -3.88 15.46
N ILE C 32 -29.21 -3.75 16.04
CA ILE C 32 -29.42 -2.81 17.15
C ILE C 32 -28.63 -3.12 18.43
N ASN C 33 -28.57 -4.39 18.79
CA ASN C 33 -27.87 -4.80 20.02
C ASN C 33 -26.42 -5.25 19.86
N THR C 34 -25.90 -5.22 18.64
CA THR C 34 -24.53 -5.67 18.41
C THR C 34 -23.55 -4.62 18.90
N PHE C 35 -22.40 -5.09 19.41
CA PHE C 35 -21.29 -4.22 19.76
C PHE C 35 -20.29 -4.27 18.60
N TYR C 36 -20.57 -3.47 17.58
CA TYR C 36 -19.71 -3.31 16.42
C TYR C 36 -19.01 -1.96 16.53
N SER C 37 -17.69 -1.96 16.33
CA SER C 37 -16.91 -0.73 16.52
C SER C 37 -16.96 0.23 15.34
N ASN C 38 -17.34 -0.24 14.14
CA ASN C 38 -17.32 0.62 12.96
C ASN C 38 -18.73 1.02 12.54
N LYS C 39 -19.51 1.56 13.48
CA LYS C 39 -20.90 1.90 13.21
C LYS C 39 -21.06 2.99 12.15
N GLU C 40 -19.99 3.74 11.85
CA GLU C 40 -20.10 4.85 10.89
C GLU C 40 -20.55 4.41 9.51
N ILE C 41 -20.44 3.12 9.16
CA ILE C 41 -20.81 2.67 7.84
C ILE C 41 -22.29 2.87 7.53
N PHE C 42 -23.11 3.13 8.54
CA PHE C 42 -24.53 3.40 8.28
C PHE C 42 -24.70 4.53 7.28
N LEU C 43 -23.86 5.56 7.37
CA LEU C 43 -24.01 6.72 6.49
C LEU C 43 -23.66 6.35 5.05
N ARG C 44 -22.62 5.54 4.87
CA ARG C 44 -22.30 5.05 3.53
C ARG C 44 -23.50 4.34 2.91
N GLU C 45 -24.14 3.47 3.68
CA GLU C 45 -25.25 2.67 3.14
C GLU C 45 -26.44 3.55 2.76
N LEU C 46 -26.73 4.57 3.57
CA LEU C 46 -27.86 5.45 3.28
C LEU C 46 -27.56 6.36 2.09
N ILE C 47 -26.31 6.84 1.99
CA ILE C 47 -25.94 7.64 0.83
C ILE C 47 -25.96 6.79 -0.43
N SER C 48 -25.54 5.53 -0.33
CA SER C 48 -25.59 4.65 -1.50
C SER C 48 -27.03 4.41 -1.94
N ASN C 49 -27.94 4.19 -0.99
CA ASN C 49 -29.35 4.07 -1.34
C ASN C 49 -29.87 5.33 -2.01
N ALA C 50 -29.48 6.51 -1.50
CA ALA C 50 -29.91 7.75 -2.12
C ALA C 50 -29.39 7.86 -3.54
N SER C 51 -28.11 7.52 -3.76
CA SER C 51 -27.54 7.56 -5.10
C SER C 51 -28.26 6.61 -6.05
N ASP C 52 -28.57 5.40 -5.58
CA ASP C 52 -29.31 4.45 -6.41
C ASP C 52 -30.68 4.99 -6.78
N ALA C 53 -31.36 5.65 -5.83
CA ALA C 53 -32.68 6.22 -6.11
C ALA C 53 -32.59 7.34 -7.14
N LEU C 54 -31.52 8.14 -7.08
CA LEU C 54 -31.33 9.20 -8.06
C LEU C 54 -31.01 8.63 -9.44
N ASP C 55 -30.18 7.58 -9.49
CA ASP C 55 -29.95 6.88 -10.75
C ASP C 55 -31.27 6.45 -11.40
N LYS C 56 -32.20 5.92 -10.61
CA LYS C 56 -33.42 5.35 -11.19
C LYS C 56 -34.31 6.44 -11.81
N ILE C 57 -34.48 7.57 -11.11
CA ILE C 57 -35.30 8.63 -11.68
C ILE C 57 -34.63 9.23 -12.90
N ARG C 58 -33.30 9.40 -12.84
CA ARG C 58 -32.56 9.83 -14.03
C ARG C 58 -32.77 8.89 -15.20
N TYR C 59 -33.06 7.62 -14.90
CA TYR C 59 -33.23 6.57 -15.90
C TYR C 59 -34.62 6.57 -16.51
N GLU C 60 -35.65 6.83 -15.70
CA GLU C 60 -37.01 6.91 -16.22
C GLU C 60 -37.23 8.18 -17.02
N SER C 61 -36.55 9.27 -16.64
CA SER C 61 -36.67 10.55 -17.35
C SER C 61 -36.01 10.51 -18.73
N LEU C 62 -35.15 9.52 -18.99
CA LEU C 62 -34.51 9.42 -20.29
C LEU C 62 -35.52 9.27 -21.40
N THR C 63 -36.59 8.52 -21.15
CA THR C 63 -37.68 8.31 -22.09
C THR C 63 -38.86 9.24 -21.83
N ASP C 64 -38.90 9.90 -20.68
CA ASP C 64 -40.04 10.74 -20.30
C ASP C 64 -39.55 11.85 -19.39
N PRO C 65 -39.05 12.95 -19.96
CA PRO C 65 -38.56 14.06 -19.11
C PRO C 65 -39.61 14.65 -18.20
N SER C 66 -40.89 14.46 -18.47
CA SER C 66 -41.92 15.02 -17.61
C SER C 66 -41.87 14.44 -16.20
N LYS C 67 -41.21 13.30 -16.03
CA LYS C 67 -41.00 12.71 -14.72
C LYS C 67 -40.11 13.57 -13.83
N LEU C 68 -39.41 14.56 -14.39
CA LEU C 68 -38.63 15.51 -13.63
C LEU C 68 -39.38 16.81 -13.36
N ASP C 69 -40.67 16.87 -13.74
CA ASP C 69 -41.47 18.05 -13.41
C ASP C 69 -41.58 18.25 -11.92
N SER C 70 -41.56 17.16 -11.15
CA SER C 70 -41.58 17.22 -9.69
C SER C 70 -40.26 17.70 -9.10
N GLY C 71 -39.27 18.02 -9.94
CA GLY C 71 -37.98 18.48 -9.47
C GLY C 71 -36.86 18.13 -10.43
N LYS C 72 -36.12 19.16 -10.87
CA LYS C 72 -35.05 18.94 -11.85
C LYS C 72 -33.77 18.46 -11.19
N GLU C 73 -33.39 19.08 -10.06
CA GLU C 73 -32.09 18.81 -9.46
C GLU C 73 -32.06 17.42 -8.84
N LEU C 74 -30.94 16.73 -9.03
CA LEU C 74 -30.68 15.42 -8.46
C LEU C 74 -29.58 15.61 -7.42
N LYS C 75 -29.95 15.56 -6.15
CA LYS C 75 -29.03 15.94 -5.07
C LYS C 75 -29.31 15.14 -3.82
N ILE C 76 -28.36 15.24 -2.89
CA ILE C 76 -28.46 14.62 -1.56
C ILE C 76 -28.15 15.71 -0.54
N ASP C 77 -28.97 15.80 0.51
CA ASP C 77 -28.75 16.73 1.61
C ASP C 77 -28.68 15.98 2.93
N ILE C 78 -27.75 16.40 3.80
CA ILE C 78 -27.59 15.82 5.13
C ILE C 78 -27.78 16.94 6.15
N ILE C 79 -28.69 16.72 7.09
CA ILE C 79 -29.06 17.76 8.06
C ILE C 79 -28.94 17.20 9.46
N PRO C 80 -27.84 17.46 10.17
CA PRO C 80 -27.78 17.12 11.59
C PRO C 80 -28.50 18.16 12.45
N ASN C 81 -29.19 17.66 13.48
CA ASN C 81 -29.94 18.51 14.41
C ASN C 81 -29.59 18.08 15.83
N PRO C 82 -28.61 18.73 16.45
CA PRO C 82 -28.21 18.31 17.82
C PRO C 82 -29.33 18.50 18.82
N GLN C 83 -30.23 19.45 18.57
CA GLN C 83 -31.32 19.73 19.51
C GLN C 83 -32.29 18.56 19.55
N GLU C 84 -32.71 18.09 18.38
CA GLU C 84 -33.64 16.97 18.28
C GLU C 84 -32.95 15.62 18.26
N ARG C 85 -31.62 15.58 18.25
CA ARG C 85 -30.89 14.33 18.17
C ARG C 85 -31.35 13.51 16.96
N THR C 86 -31.53 14.20 15.83
CA THR C 86 -31.88 13.57 14.57
C THR C 86 -30.83 13.90 13.52
N LEU C 87 -30.59 12.92 12.64
CA LEU C 87 -29.76 13.10 11.45
C LEU C 87 -30.61 12.71 10.24
N THR C 88 -30.81 13.67 9.33
CA THR C 88 -31.71 13.50 8.21
C THR C 88 -30.92 13.45 6.91
N LEU C 89 -31.29 12.52 6.03
CA LEU C 89 -30.67 12.39 4.72
C LEU C 89 -31.79 12.62 3.70
N VAL C 90 -31.58 13.55 2.78
CA VAL C 90 -32.62 13.86 1.79
C VAL C 90 -32.15 13.64 0.34
N ASP C 91 -32.93 12.88 -0.42
CA ASP C 91 -32.62 12.60 -1.82
C ASP C 91 -33.80 12.87 -2.74
N THR C 92 -33.54 13.58 -3.85
CA THR C 92 -34.58 13.88 -4.83
C THR C 92 -34.70 12.76 -5.86
N GLY C 93 -34.62 11.50 -5.41
CA GLY C 93 -34.65 10.36 -6.32
C GLY C 93 -36.06 9.98 -6.73
N ILE C 94 -36.22 8.69 -7.05
CA ILE C 94 -37.47 8.21 -7.62
C ILE C 94 -38.60 8.24 -6.58
N GLY C 95 -38.28 8.08 -5.31
CA GLY C 95 -39.28 7.98 -4.27
C GLY C 95 -39.99 6.63 -4.30
N MET C 96 -40.97 6.47 -3.42
CA MET C 96 -41.69 5.23 -3.27
C MET C 96 -43.19 5.49 -3.21
N THR C 97 -43.97 4.70 -3.94
CA THR C 97 -45.41 4.65 -3.74
C THR C 97 -45.71 4.01 -2.39
N LYS C 98 -46.98 4.09 -1.98
CA LYS C 98 -47.40 3.45 -0.73
C LYS C 98 -47.10 1.96 -0.76
N ALA C 99 -47.45 1.29 -1.86
CA ALA C 99 -47.19 -0.14 -1.98
C ALA C 99 -45.70 -0.44 -1.91
N ASP C 100 -44.89 0.33 -2.64
CA ASP C 100 -43.45 0.10 -2.63
C ASP C 100 -42.86 0.38 -1.24
N LEU C 101 -43.41 1.36 -0.55
CA LEU C 101 -42.93 1.69 0.79
C LEU C 101 -43.14 0.52 1.74
N ILE C 102 -44.36 -0.03 1.75
CA ILE C 102 -44.65 -1.18 2.60
C ILE C 102 -43.83 -2.38 2.16
N ASN C 103 -43.78 -2.64 0.86
CA ASN C 103 -43.09 -3.83 0.36
C ASN C 103 -41.59 -3.71 0.55
N ASN C 104 -41.01 -2.58 0.12
CA ASN C 104 -39.55 -2.49 0.04
C ASN C 104 -38.90 -2.46 1.42
N LEU C 105 -39.54 -1.80 2.39
CA LEU C 105 -39.00 -1.72 3.74
C LEU C 105 -39.53 -2.79 4.67
N GLY C 106 -40.68 -3.40 4.36
CA GLY C 106 -41.28 -4.33 5.28
C GLY C 106 -41.22 -5.80 4.86
N THR C 107 -40.98 -6.06 3.57
CA THR C 107 -41.21 -7.40 3.02
C THR C 107 -40.09 -7.89 2.10
N ILE C 108 -39.80 -7.13 1.04
CA ILE C 108 -38.94 -7.63 -0.04
C ILE C 108 -37.51 -7.86 0.42
N ALA C 109 -37.09 -7.27 1.53
CA ALA C 109 -35.74 -7.48 2.04
C ALA C 109 -35.54 -8.86 2.66
N LYS C 110 -36.60 -9.69 2.72
CA LYS C 110 -36.50 -10.99 3.38
C LYS C 110 -35.30 -11.79 2.89
N SER C 111 -35.17 -11.98 1.58
CA SER C 111 -34.11 -12.85 1.07
C SER C 111 -32.75 -12.28 1.39
N GLY C 112 -32.58 -10.96 1.22
CA GLY C 112 -31.30 -10.33 1.51
C GLY C 112 -30.91 -10.43 2.97
N THR C 113 -31.86 -10.17 3.88
CA THR C 113 -31.54 -10.23 5.31
C THR C 113 -31.23 -11.66 5.73
N LYS C 114 -31.94 -12.64 5.16
CA LYS C 114 -31.66 -14.04 5.48
C LYS C 114 -30.27 -14.43 5.00
N ALA C 115 -29.95 -14.11 3.75
CA ALA C 115 -28.63 -14.45 3.21
C ALA C 115 -27.52 -13.74 3.96
N PHE C 116 -27.76 -12.50 4.38
CA PHE C 116 -26.75 -11.75 5.11
C PHE C 116 -26.49 -12.37 6.48
N MET C 117 -27.54 -12.80 7.17
CA MET C 117 -27.34 -13.44 8.47
C MET C 117 -26.62 -14.77 8.31
N GLU C 118 -26.90 -15.50 7.23
CA GLU C 118 -26.12 -16.69 6.92
C GLU C 118 -24.65 -16.34 6.70
N ALA C 119 -24.38 -15.25 5.98
CA ALA C 119 -23.00 -14.84 5.75
C ALA C 119 -22.33 -14.42 7.05
N LEU C 120 -23.05 -13.71 7.93
CA LEU C 120 -22.47 -13.32 9.21
C LEU C 120 -22.07 -14.53 10.02
N GLN C 121 -22.93 -15.56 10.04
CA GLN C 121 -22.60 -16.79 10.75
C GLN C 121 -21.33 -17.43 10.22
N ALA C 122 -21.04 -17.23 8.92
CA ALA C 122 -19.90 -17.87 8.28
C ALA C 122 -18.66 -16.99 8.26
N GLY C 123 -18.67 -15.86 8.96
CA GLY C 123 -17.50 -15.03 9.11
C GLY C 123 -17.55 -13.67 8.46
N ALA C 124 -18.64 -13.33 7.78
CA ALA C 124 -18.78 -11.99 7.23
C ALA C 124 -18.92 -10.98 8.36
N ASP C 125 -18.80 -9.70 8.02
CA ASP C 125 -18.94 -8.64 9.00
C ASP C 125 -19.99 -7.63 8.56
N ILE C 126 -20.49 -6.85 9.54
CA ILE C 126 -21.60 -5.87 9.37
C ILE C 126 -21.37 -4.90 8.19
N SER C 127 -20.12 -4.66 7.78
CA SER C 127 -19.88 -3.69 6.72
C SER C 127 -20.25 -4.24 5.35
N MET C 128 -20.48 -5.55 5.21
CA MET C 128 -20.86 -6.12 3.93
C MET C 128 -22.36 -6.05 3.68
N ILE C 129 -23.12 -5.41 4.57
CA ILE C 129 -24.58 -5.45 4.51
C ILE C 129 -25.10 -4.95 3.16
N GLY C 130 -24.44 -3.95 2.58
CA GLY C 130 -24.88 -3.42 1.30
C GLY C 130 -24.79 -4.43 0.17
N GLN C 131 -23.88 -5.40 0.28
CA GLN C 131 -23.75 -6.41 -0.74
C GLN C 131 -24.92 -7.38 -0.78
N PHE C 132 -25.84 -7.29 0.18
CA PHE C 132 -27.03 -8.11 0.19
C PHE C 132 -28.29 -7.28 -0.06
N GLY C 133 -28.13 -6.01 -0.42
CA GLY C 133 -29.23 -5.15 -0.79
C GLY C 133 -30.07 -4.63 0.36
N VAL C 134 -29.59 -4.74 1.60
CA VAL C 134 -30.40 -4.40 2.77
C VAL C 134 -29.66 -3.43 3.69
N GLY C 135 -28.79 -2.60 3.11
CA GLY C 135 -28.03 -1.65 3.92
C GLY C 135 -28.87 -0.66 4.70
N PHE C 136 -30.11 -0.41 4.24
CA PHE C 136 -31.00 0.51 4.94
C PHE C 136 -31.05 0.21 6.44
N TYR C 137 -31.10 -1.06 6.81
CA TYR C 137 -31.29 -1.42 8.21
C TYR C 137 -30.06 -1.15 9.07
N SER C 138 -28.90 -0.87 8.46
CA SER C 138 -27.74 -0.47 9.25
C SER C 138 -27.98 0.84 9.98
N ALA C 139 -29.01 1.59 9.59
CA ALA C 139 -29.37 2.80 10.32
C ALA C 139 -29.59 2.52 11.80
N TYR C 140 -30.04 1.31 12.14
CA TYR C 140 -30.31 1.00 13.53
C TYR C 140 -29.04 0.70 14.33
N LEU C 141 -27.87 0.77 13.70
CA LEU C 141 -26.63 0.80 14.47
C LEU C 141 -26.53 2.04 15.34
N VAL C 142 -27.10 3.15 14.88
CA VAL C 142 -26.99 4.43 15.59
C VAL C 142 -28.35 5.03 15.92
N ALA C 143 -29.44 4.55 15.34
CA ALA C 143 -30.75 5.13 15.55
C ALA C 143 -31.63 4.18 16.36
N GLU C 144 -32.38 4.76 17.29
CA GLU C 144 -33.42 4.04 18.01
C GLU C 144 -34.76 4.07 17.28
N LYS C 145 -34.94 5.02 16.37
CA LYS C 145 -36.18 5.19 15.61
C LYS C 145 -35.81 5.75 14.24
N VAL C 146 -36.48 5.27 13.20
CA VAL C 146 -36.25 5.74 11.84
C VAL C 146 -37.58 6.13 11.23
N VAL C 147 -37.63 7.32 10.64
CA VAL C 147 -38.81 7.80 9.91
C VAL C 147 -38.41 8.02 8.46
N VAL C 148 -39.25 7.57 7.54
CA VAL C 148 -39.03 7.74 6.11
C VAL C 148 -40.23 8.45 5.51
N ILE C 149 -40.00 9.64 4.95
CA ILE C 149 -41.00 10.36 4.16
C ILE C 149 -40.61 10.23 2.70
N THR C 150 -41.56 9.87 1.85
CA THR C 150 -41.28 9.58 0.46
C THR C 150 -42.40 10.08 -0.43
N LYS C 151 -42.03 10.47 -1.66
CA LYS C 151 -42.99 10.96 -2.64
C LYS C 151 -42.58 10.44 -4.02
N HIS C 152 -43.45 9.64 -4.61
CA HIS C 152 -43.27 9.12 -5.96
C HIS C 152 -44.24 9.83 -6.90
N ASN C 153 -43.84 9.99 -8.17
CA ASN C 153 -44.68 10.69 -9.13
C ASN C 153 -46.07 10.09 -9.24
N ASP C 154 -46.22 8.79 -8.96
CA ASP C 154 -47.46 8.07 -9.18
C ASP C 154 -48.31 7.94 -7.93
N ASP C 155 -47.99 8.68 -6.87
CA ASP C 155 -48.69 8.53 -5.60
C ASP C 155 -48.51 9.81 -4.80
N GLU C 156 -49.19 9.89 -3.68
CA GLU C 156 -49.04 11.03 -2.78
C GLU C 156 -47.97 10.75 -1.74
N GLN C 157 -47.62 11.78 -0.97
CA GLN C 157 -46.55 11.68 0.00
C GLN C 157 -46.98 10.81 1.18
N TYR C 158 -46.08 9.93 1.61
CA TYR C 158 -46.35 8.99 2.68
C TYR C 158 -45.22 8.99 3.68
N ALA C 159 -45.54 8.55 4.90
CA ALA C 159 -44.59 8.47 6.01
C ALA C 159 -44.54 7.05 6.53
N TRP C 160 -43.31 6.56 6.73
CA TRP C 160 -43.04 5.25 7.29
C TRP C 160 -42.23 5.42 8.56
N GLU C 161 -42.43 4.53 9.53
CA GLU C 161 -41.67 4.66 10.76
C GLU C 161 -41.57 3.32 11.49
N SER C 162 -40.46 3.10 12.18
CA SER C 162 -40.26 1.90 12.98
C SER C 162 -39.22 2.16 14.06
N SER C 163 -39.51 1.68 15.27
CA SER C 163 -38.53 1.62 16.35
C SER C 163 -38.01 0.20 16.56
N ALA C 164 -38.11 -0.66 15.55
CA ALA C 164 -37.50 -1.99 15.57
C ALA C 164 -38.13 -2.88 16.63
N GLY C 165 -39.44 -2.78 16.81
CA GLY C 165 -40.17 -3.69 17.67
C GLY C 165 -40.80 -4.86 16.93
N GLY C 166 -40.41 -5.10 15.69
CA GLY C 166 -41.04 -6.09 14.85
C GLY C 166 -42.11 -5.54 13.94
N SER C 167 -42.49 -4.28 14.10
CA SER C 167 -43.56 -3.68 13.32
C SER C 167 -43.14 -2.29 12.85
N PHE C 168 -43.89 -1.79 11.88
CA PHE C 168 -43.73 -0.44 11.37
C PHE C 168 -45.10 0.13 11.02
N THR C 169 -45.18 1.45 10.86
CA THR C 169 -46.43 2.10 10.50
C THR C 169 -46.25 2.91 9.23
N VAL C 170 -47.34 3.06 8.49
CA VAL C 170 -47.40 3.89 7.29
C VAL C 170 -48.65 4.75 7.37
N ARG C 171 -48.53 6.00 6.92
CA ARG C 171 -49.67 6.91 6.92
C ARG C 171 -49.42 7.98 5.87
N ALA C 172 -50.50 8.47 5.28
CA ALA C 172 -50.38 9.61 4.38
C ALA C 172 -49.71 10.76 5.11
N ASP C 173 -48.74 11.39 4.47
CA ASP C 173 -47.99 12.49 5.06
C ASP C 173 -48.44 13.77 4.38
N HIS C 174 -49.11 14.63 5.15
CA HIS C 174 -49.48 15.95 4.66
C HIS C 174 -48.52 17.00 5.17
N GLY C 175 -47.31 16.60 5.55
CA GLY C 175 -46.31 17.51 6.05
C GLY C 175 -45.64 18.25 4.92
N GLU C 176 -44.46 18.79 5.21
CA GLU C 176 -43.74 19.53 4.20
C GLU C 176 -43.65 18.69 2.93
N PRO C 177 -44.26 19.12 1.83
CA PRO C 177 -44.13 18.36 0.58
C PRO C 177 -42.69 18.42 0.09
N ILE C 178 -42.16 17.26 -0.29
CA ILE C 178 -40.79 17.17 -0.78
C ILE C 178 -40.71 17.15 -2.28
N GLY C 179 -41.84 17.18 -2.98
CA GLY C 179 -41.85 17.22 -4.43
C GLY C 179 -41.65 15.86 -5.06
N ARG C 180 -40.48 15.28 -4.82
CA ARG C 180 -40.18 13.92 -5.24
C ARG C 180 -38.91 13.49 -4.52
N GLY C 181 -38.90 12.25 -4.03
CA GLY C 181 -37.72 11.70 -3.40
C GLY C 181 -38.02 11.09 -2.06
N THR C 182 -37.01 11.04 -1.18
CA THR C 182 -37.12 10.35 0.09
C THR C 182 -36.33 11.09 1.15
N LYS C 183 -36.88 11.11 2.35
CA LYS C 183 -36.27 11.72 3.53
C LYS C 183 -36.13 10.64 4.60
N VAL C 184 -34.89 10.34 4.99
CA VAL C 184 -34.61 9.35 6.04
C VAL C 184 -34.16 10.10 7.29
N ILE C 185 -34.97 10.01 8.34
CA ILE C 185 -34.73 10.73 9.59
C ILE C 185 -34.32 9.72 10.65
N LEU C 186 -33.08 9.83 11.13
CA LEU C 186 -32.56 8.93 12.15
C LEU C 186 -32.64 9.61 13.51
N HIS C 187 -33.38 8.99 14.43
CA HIS C 187 -33.40 9.42 15.83
C HIS C 187 -32.31 8.64 16.56
N LEU C 188 -31.21 9.33 16.88
CA LEU C 188 -29.97 8.67 17.27
C LEU C 188 -30.01 8.18 18.72
N LYS C 189 -29.29 7.09 18.97
CA LYS C 189 -29.02 6.70 20.35
C LYS C 189 -28.17 7.77 21.03
N GLU C 190 -28.27 7.82 22.36
CA GLU C 190 -27.55 8.85 23.10
C GLU C 190 -26.05 8.71 22.94
N ASP C 191 -25.54 7.48 22.92
CA ASP C 191 -24.10 7.27 22.81
C ASP C 191 -23.60 7.39 21.37
N GLN C 192 -24.47 7.80 20.45
CA GLN C 192 -24.13 7.93 19.03
C GLN C 192 -24.33 9.37 18.54
N THR C 193 -24.33 10.34 19.44
CA THR C 193 -24.55 11.72 19.05
C THR C 193 -23.35 12.34 18.34
N GLU C 194 -22.23 11.63 18.26
CA GLU C 194 -21.07 12.14 17.52
C GLU C 194 -21.43 12.43 16.06
N TYR C 195 -22.41 11.72 15.52
CA TYR C 195 -22.82 11.92 14.13
C TYR C 195 -23.74 13.12 13.96
N LEU C 196 -23.94 13.90 15.03
CA LEU C 196 -24.59 15.20 14.95
C LEU C 196 -23.58 16.33 14.78
N GLU C 197 -22.29 16.01 14.82
CA GLU C 197 -21.23 17.01 14.66
C GLU C 197 -20.84 17.03 13.19
N GLU C 198 -21.12 18.15 12.52
CA GLU C 198 -20.80 18.24 11.09
C GLU C 198 -19.36 17.82 10.83
N ARG C 199 -18.44 18.08 11.77
CA ARG C 199 -17.05 17.71 11.56
C ARG C 199 -16.88 16.19 11.53
N ARG C 200 -17.61 15.47 12.38
CA ARG C 200 -17.63 14.02 12.29
C ARG C 200 -18.26 13.55 10.98
N VAL C 201 -19.40 14.15 10.62
CA VAL C 201 -20.10 13.77 9.40
C VAL C 201 -19.18 13.94 8.19
N LYS C 202 -18.44 15.05 8.14
CA LYS C 202 -17.49 15.27 7.05
C LYS C 202 -16.49 14.14 6.96
N GLU C 203 -15.88 13.80 8.10
CA GLU C 203 -14.92 12.71 8.14
C GLU C 203 -15.51 11.44 7.53
N VAL C 204 -16.76 11.13 7.87
CA VAL C 204 -17.39 9.89 7.38
C VAL C 204 -17.69 9.99 5.89
N VAL C 205 -18.26 11.12 5.46
CA VAL C 205 -18.58 11.28 4.04
C VAL C 205 -17.31 11.24 3.20
N LYS C 206 -16.26 11.93 3.66
CA LYS C 206 -14.99 11.92 2.94
C LYS C 206 -14.41 10.52 2.87
N LYS C 207 -14.53 9.75 3.95
CA LYS C 207 -13.91 8.43 3.98
C LYS C 207 -14.67 7.43 3.09
N HIS C 208 -15.99 7.50 3.07
CA HIS C 208 -16.80 6.43 2.51
C HIS C 208 -17.56 6.79 1.25
N SER C 209 -17.87 8.07 1.01
CA SER C 209 -18.77 8.45 -0.07
C SER C 209 -18.17 9.56 -0.92
N GLN C 210 -16.85 9.57 -1.07
CA GLN C 210 -16.16 10.68 -1.71
C GLN C 210 -16.31 10.67 -3.23
N PHE C 211 -16.85 9.61 -3.82
CA PHE C 211 -16.99 9.53 -5.27
C PHE C 211 -18.41 9.16 -5.66
N ILE C 212 -19.38 9.61 -4.87
CA ILE C 212 -20.78 9.54 -5.27
C ILE C 212 -21.03 10.55 -6.38
N GLY C 213 -21.83 10.15 -7.37
CA GLY C 213 -22.01 10.98 -8.54
C GLY C 213 -23.09 12.03 -8.41
N TYR C 214 -23.31 12.53 -7.19
CA TYR C 214 -24.32 13.56 -6.96
C TYR C 214 -23.82 14.48 -5.86
N PRO C 215 -24.21 15.76 -5.88
CA PRO C 215 -23.76 16.67 -4.83
C PRO C 215 -24.38 16.34 -3.49
N ILE C 216 -23.54 16.39 -2.45
CA ILE C 216 -23.96 16.16 -1.08
C ILE C 216 -23.74 17.45 -0.31
N THR C 217 -24.83 18.06 0.15
CA THR C 217 -24.78 19.33 0.88
C THR C 217 -25.07 19.07 2.35
N LEU C 218 -24.22 19.63 3.22
CA LEU C 218 -24.37 19.51 4.66
C LEU C 218 -24.94 20.79 5.23
N TYR C 219 -25.85 20.65 6.19
CA TYR C 219 -26.59 21.77 6.78
C TYR C 219 -26.43 21.74 8.30
N LEU C 220 -25.48 22.50 8.84
CA LEU C 220 -25.43 22.72 10.28
C LEU C 220 -25.27 24.20 10.59
N GLU D 13 28.99 39.17 6.64
CA GLU D 13 29.74 38.03 7.16
C GLU D 13 28.92 37.27 8.21
N GLU D 14 27.88 37.89 8.73
CA GLU D 14 27.02 37.23 9.71
C GLU D 14 26.13 36.19 9.04
N VAL D 15 25.33 36.62 8.07
CA VAL D 15 24.45 35.74 7.30
C VAL D 15 24.94 35.70 5.86
N GLU D 16 25.11 34.50 5.33
CA GLU D 16 25.57 34.30 3.97
C GLU D 16 24.56 33.44 3.22
N THR D 17 24.28 33.82 1.97
CA THR D 17 23.38 33.09 1.10
C THR D 17 24.17 32.36 0.03
N PHE D 18 23.76 31.13 -0.27
CA PHE D 18 24.44 30.32 -1.27
C PHE D 18 23.39 29.62 -2.13
N ALA D 19 23.80 29.22 -3.31
CA ALA D 19 22.96 28.44 -4.20
C ALA D 19 23.31 26.97 -4.08
N PHE D 20 22.29 26.12 -4.03
CA PHE D 20 22.49 24.68 -4.22
C PHE D 20 23.10 24.41 -5.58
N GLN D 21 23.92 23.38 -5.66
CA GLN D 21 24.25 22.79 -6.96
C GLN D 21 22.95 22.51 -7.70
N ALA D 22 22.98 22.67 -9.03
CA ALA D 22 21.74 22.57 -9.81
C ALA D 22 21.02 21.25 -9.58
N GLU D 23 21.77 20.15 -9.51
CA GLU D 23 21.15 18.83 -9.37
C GLU D 23 20.40 18.70 -8.04
N ILE D 24 20.94 19.29 -6.97
CA ILE D 24 20.25 19.25 -5.68
C ILE D 24 18.94 20.03 -5.76
N ALA D 25 18.99 21.23 -6.35
CA ALA D 25 17.78 22.03 -6.49
C ALA D 25 16.74 21.31 -7.33
N GLN D 26 17.18 20.59 -8.37
CA GLN D 26 16.24 19.83 -9.20
C GLN D 26 15.54 18.74 -8.41
N LEU D 27 16.28 18.02 -7.57
CA LEU D 27 15.65 17.00 -6.74
C LEU D 27 14.71 17.62 -5.73
N MET D 28 15.10 18.72 -5.11
CA MET D 28 14.22 19.38 -4.14
C MET D 28 12.90 19.79 -4.80
N SER D 29 12.97 20.35 -6.01
CA SER D 29 11.73 20.70 -6.73
C SER D 29 10.90 19.46 -7.05
N LEU D 30 11.56 18.35 -7.39
CA LEU D 30 10.83 17.12 -7.65
C LEU D 30 10.11 16.64 -6.40
N ILE D 31 10.81 16.64 -5.26
CA ILE D 31 10.21 16.21 -4.01
C ILE D 31 9.02 17.10 -3.65
N ILE D 32 9.14 18.41 -3.87
CA ILE D 32 8.10 19.33 -3.44
C ILE D 32 6.90 19.33 -4.39
N ASN D 33 7.12 19.06 -5.68
CA ASN D 33 6.11 19.31 -6.69
C ASN D 33 5.52 18.06 -7.35
N THR D 34 6.12 16.90 -7.17
CA THR D 34 5.55 15.68 -7.74
C THR D 34 4.86 14.88 -6.66
N PHE D 35 3.94 14.03 -7.08
CA PHE D 35 3.14 13.26 -6.15
C PHE D 35 3.93 12.11 -5.57
N TYR D 36 3.87 11.95 -4.24
CA TYR D 36 4.38 10.76 -3.51
C TYR D 36 3.44 10.42 -2.35
N SER D 37 2.87 9.21 -2.37
CA SER D 37 1.89 8.79 -1.33
C SER D 37 2.49 8.54 0.06
N ASN D 38 3.59 7.83 0.16
CA ASN D 38 4.15 7.50 1.45
C ASN D 38 5.15 8.48 2.02
N LYS D 39 4.68 9.67 2.33
CA LYS D 39 5.50 10.73 2.84
C LYS D 39 6.17 10.42 4.17
N GLU D 40 5.57 9.57 4.98
CA GLU D 40 6.13 9.22 6.31
C GLU D 40 7.60 8.76 6.23
N ILE D 41 8.11 8.35 5.08
CA ILE D 41 9.49 7.87 5.02
C ILE D 41 10.48 8.97 5.37
N PHE D 42 10.07 10.24 5.34
CA PHE D 42 10.99 11.31 5.72
C PHE D 42 11.54 11.07 7.12
N LEU D 43 10.71 10.57 8.04
CA LEU D 43 11.16 10.39 9.40
C LEU D 43 12.19 9.27 9.49
N ARG D 44 11.98 8.18 8.75
CA ARG D 44 12.99 7.14 8.67
C ARG D 44 14.33 7.69 8.20
N GLU D 45 14.31 8.50 7.15
CA GLU D 45 15.56 9.01 6.58
C GLU D 45 16.30 9.90 7.56
N LEU D 46 15.58 10.76 8.28
CA LEU D 46 16.23 11.64 9.24
C LEU D 46 16.72 10.88 10.46
N ILE D 47 15.98 9.87 10.91
CA ILE D 47 16.46 9.03 12.01
C ILE D 47 17.70 8.25 11.58
N SER D 48 17.74 7.77 10.33
CA SER D 48 18.92 7.08 9.83
C SER D 48 20.12 8.01 9.78
N ASN D 49 19.92 9.26 9.32
CA ASN D 49 21.01 10.24 9.34
C ASN D 49 21.50 10.47 10.77
N ALA D 50 20.57 10.60 11.71
CA ALA D 50 20.95 10.78 13.11
C ALA D 50 21.73 9.58 13.61
N SER D 51 21.27 8.37 13.30
CA SER D 51 21.99 7.17 13.72
C SER D 51 23.40 7.15 13.12
N ASP D 52 23.54 7.50 11.84
CA ASP D 52 24.85 7.53 11.21
C ASP D 52 25.76 8.55 11.88
N ALA D 53 25.21 9.72 12.23
CA ALA D 53 26.02 10.74 12.91
C ALA D 53 26.45 10.24 14.28
N LEU D 54 25.59 9.50 14.97
CA LEU D 54 25.97 8.93 16.27
C LEU D 54 27.03 7.86 16.10
N ASP D 55 26.88 6.99 15.09
CA ASP D 55 27.94 6.03 14.75
C ASP D 55 29.26 6.75 14.55
N LYS D 56 29.22 7.92 13.91
CA LYS D 56 30.44 8.63 13.54
C LYS D 56 31.18 9.13 14.77
N ILE D 57 30.48 9.74 15.73
CA ILE D 57 31.16 10.23 16.93
C ILE D 57 31.64 9.04 17.78
N ARG D 58 30.86 7.97 17.86
CA ARG D 58 31.32 6.78 18.57
C ARG D 58 32.62 6.28 17.95
N TYR D 59 32.68 6.26 16.62
CA TYR D 59 33.86 5.79 15.90
C TYR D 59 35.10 6.59 16.29
N GLU D 60 35.01 7.92 16.20
CA GLU D 60 36.15 8.77 16.52
C GLU D 60 36.51 8.71 18.00
N SER D 61 35.52 8.48 18.88
CA SER D 61 35.79 8.45 20.31
C SER D 61 36.63 7.25 20.71
N LEU D 62 36.66 6.20 19.89
CA LEU D 62 37.48 5.03 20.20
C LEU D 62 38.96 5.39 20.20
N THR D 63 39.38 6.32 19.35
CA THR D 63 40.77 6.75 19.29
C THR D 63 41.03 7.97 20.16
N ASP D 64 39.99 8.69 20.57
CA ASP D 64 40.14 9.94 21.32
C ASP D 64 38.92 10.10 22.21
N PRO D 65 38.94 9.50 23.40
CA PRO D 65 37.76 9.60 24.28
C PRO D 65 37.39 11.03 24.64
N SER D 66 38.33 11.98 24.54
CA SER D 66 38.01 13.35 24.88
C SER D 66 36.96 13.96 23.94
N LYS D 67 36.73 13.33 22.80
CA LYS D 67 35.75 13.80 21.83
C LYS D 67 34.37 13.76 22.42
N LEU D 68 34.20 12.96 23.46
CA LEU D 68 32.95 12.86 24.16
C LEU D 68 32.86 13.85 25.34
N ASP D 69 33.84 14.71 25.49
CA ASP D 69 33.81 15.68 26.57
C ASP D 69 32.62 16.60 26.41
N SER D 70 32.28 16.94 25.17
CA SER D 70 31.14 17.77 24.83
C SER D 70 29.80 17.08 25.06
N GLY D 71 29.80 15.84 25.53
CA GLY D 71 28.57 15.11 25.78
C GLY D 71 28.74 13.62 25.62
N LYS D 72 28.41 12.84 26.65
CA LYS D 72 28.64 11.40 26.65
C LYS D 72 27.48 10.62 26.05
N GLU D 73 26.24 11.05 26.29
CA GLU D 73 25.09 10.27 25.86
C GLU D 73 24.92 10.35 24.34
N LEU D 74 24.60 9.21 23.75
CA LEU D 74 24.34 9.09 22.31
C LEU D 74 22.87 8.78 22.14
N LYS D 75 22.08 9.76 21.70
CA LYS D 75 20.64 9.62 21.71
C LYS D 75 20.01 10.44 20.59
N ILE D 76 18.75 10.13 20.33
CA ILE D 76 17.92 10.83 19.35
C ILE D 76 16.64 11.27 20.06
N ASP D 77 16.26 12.53 19.86
CA ASP D 77 15.03 13.08 20.42
C ASP D 77 14.17 13.62 19.30
N ILE D 78 12.86 13.39 19.41
CA ILE D 78 11.88 13.87 18.45
C ILE D 78 10.91 14.76 19.21
N ILE D 79 10.76 16.00 18.76
CA ILE D 79 9.96 17.00 19.47
C ILE D 79 8.93 17.62 18.53
N PRO D 80 7.68 17.15 18.54
CA PRO D 80 6.62 17.86 17.81
C PRO D 80 6.14 19.07 18.60
N ASN D 81 5.88 20.16 17.88
CA ASN D 81 5.44 21.43 18.49
C ASN D 81 4.24 21.93 17.69
N PRO D 82 3.01 21.63 18.14
CA PRO D 82 1.85 22.03 17.36
C PRO D 82 1.67 23.53 17.26
N GLN D 83 2.09 24.28 18.28
CA GLN D 83 1.91 25.74 18.23
C GLN D 83 2.85 26.36 17.21
N GLU D 84 4.13 25.95 17.20
CA GLU D 84 5.05 26.48 16.21
C GLU D 84 4.98 25.69 14.91
N ARG D 85 4.18 24.62 14.89
CA ARG D 85 3.99 23.77 13.72
C ARG D 85 5.35 23.31 13.19
N THR D 86 6.21 22.88 14.10
CA THR D 86 7.51 22.32 13.79
C THR D 86 7.65 20.90 14.34
N LEU D 87 8.42 20.08 13.63
CA LEU D 87 8.86 18.77 14.11
C LEU D 87 10.38 18.77 14.11
N THR D 88 10.98 18.57 15.27
CA THR D 88 12.41 18.66 15.44
C THR D 88 13.00 17.29 15.79
N LEU D 89 14.09 16.94 15.11
CA LEU D 89 14.84 15.72 15.40
C LEU D 89 16.24 16.12 15.86
N VAL D 90 16.58 15.75 17.09
CA VAL D 90 17.85 16.11 17.70
C VAL D 90 18.70 14.86 17.85
N ASP D 91 19.98 14.96 17.50
CA ASP D 91 20.93 13.90 17.77
C ASP D 91 22.18 14.51 18.41
N THR D 92 22.84 13.70 19.23
CA THR D 92 24.11 14.07 19.86
C THR D 92 25.30 13.47 19.11
N GLY D 93 25.24 13.48 17.77
CA GLY D 93 26.28 12.89 16.96
C GLY D 93 27.46 13.79 16.72
N ILE D 94 28.15 13.55 15.59
CA ILE D 94 29.42 14.22 15.33
C ILE D 94 29.22 15.71 15.06
N GLY D 95 28.08 16.10 14.52
CA GLY D 95 27.87 17.47 14.13
C GLY D 95 28.65 17.84 12.87
N MET D 96 28.55 19.11 12.51
CA MET D 96 29.15 19.64 11.28
C MET D 96 29.85 20.95 11.58
N THR D 97 31.07 21.11 11.08
CA THR D 97 31.70 22.42 11.04
C THR D 97 30.98 23.30 10.03
N LYS D 98 31.32 24.59 10.04
CA LYS D 98 30.74 25.50 9.07
C LYS D 98 30.99 25.01 7.65
N ALA D 99 32.23 24.62 7.36
CA ALA D 99 32.56 24.12 6.03
C ALA D 99 31.76 22.86 5.72
N ASP D 100 31.68 21.92 6.67
CA ASP D 100 30.93 20.69 6.45
C ASP D 100 29.45 21.00 6.25
N LEU D 101 28.93 21.99 6.97
CA LEU D 101 27.51 22.34 6.84
C LEU D 101 27.21 22.87 5.44
N ILE D 102 28.02 23.81 4.95
CA ILE D 102 27.83 24.34 3.61
C ILE D 102 28.03 23.24 2.57
N ASN D 103 29.10 22.45 2.72
CA ASN D 103 29.42 21.44 1.71
C ASN D 103 28.39 20.32 1.71
N ASN D 104 28.07 19.78 2.89
CA ASN D 104 27.27 18.56 2.96
C ASN D 104 25.82 18.81 2.54
N LEU D 105 25.26 19.97 2.90
CA LEU D 105 23.88 20.25 2.53
C LEU D 105 23.74 21.03 1.23
N GLY D 106 24.78 21.73 0.80
CA GLY D 106 24.67 22.59 -0.37
C GLY D 106 25.37 22.12 -1.63
N THR D 107 26.31 21.17 -1.52
CA THR D 107 27.22 20.89 -2.62
C THR D 107 27.45 19.41 -2.92
N ILE D 108 28.02 18.65 -1.98
CA ILE D 108 28.54 17.33 -2.33
C ILE D 108 27.41 16.31 -2.48
N ALA D 109 26.17 16.70 -2.15
CA ALA D 109 25.04 15.84 -2.50
C ALA D 109 24.78 15.80 -4.01
N LYS D 110 25.52 16.58 -4.80
CA LYS D 110 25.29 16.66 -6.24
C LYS D 110 25.24 15.27 -6.89
N SER D 111 26.26 14.44 -6.66
CA SER D 111 26.31 13.16 -7.36
C SER D 111 25.16 12.25 -6.92
N GLY D 112 24.86 12.23 -5.63
CA GLY D 112 23.76 11.41 -5.15
C GLY D 112 22.41 11.82 -5.71
N THR D 113 22.14 13.14 -5.73
CA THR D 113 20.85 13.59 -6.26
C THR D 113 20.76 13.36 -7.76
N LYS D 114 21.85 13.56 -8.48
CA LYS D 114 21.86 13.30 -9.91
C LYS D 114 21.60 11.82 -10.20
N ALA D 115 22.32 10.94 -9.51
CA ALA D 115 22.14 9.51 -9.72
C ALA D 115 20.73 9.06 -9.31
N PHE D 116 20.18 9.65 -8.25
CA PHE D 116 18.85 9.28 -7.80
C PHE D 116 17.78 9.69 -8.81
N MET D 117 17.91 10.88 -9.38
CA MET D 117 16.90 11.30 -10.36
C MET D 117 16.99 10.44 -11.61
N GLU D 118 18.19 10.04 -12.01
CA GLU D 118 18.31 9.09 -13.11
C GLU D 118 17.66 7.75 -12.74
N ALA D 119 17.85 7.29 -11.50
CA ALA D 119 17.20 6.05 -11.07
C ALA D 119 15.69 6.20 -11.05
N LEU D 120 15.19 7.37 -10.62
CA LEU D 120 13.75 7.60 -10.62
C LEU D 120 13.18 7.51 -12.03
N GLN D 121 13.88 8.11 -13.00
CA GLN D 121 13.43 8.02 -14.39
C GLN D 121 13.37 6.58 -14.88
N ALA D 122 14.18 5.70 -14.29
CA ALA D 122 14.25 4.30 -14.70
C ALA D 122 13.37 3.39 -13.85
N GLY D 123 12.54 3.94 -12.96
CA GLY D 123 11.56 3.15 -12.24
C GLY D 123 11.78 3.04 -10.74
N ALA D 124 12.82 3.65 -10.18
CA ALA D 124 12.95 3.67 -8.74
C ALA D 124 11.84 4.52 -8.14
N ASP D 125 11.71 4.46 -6.82
CA ASP D 125 10.71 5.24 -6.11
C ASP D 125 11.39 6.07 -5.01
N ILE D 126 10.62 7.03 -4.48
CA ILE D 126 11.16 8.00 -3.53
C ILE D 126 11.73 7.32 -2.29
N SER D 127 11.12 6.20 -1.85
CA SER D 127 11.55 5.56 -0.62
C SER D 127 13.00 5.07 -0.69
N MET D 128 13.59 5.01 -1.89
CA MET D 128 14.96 4.58 -2.06
C MET D 128 15.96 5.72 -1.90
N ILE D 129 15.49 6.91 -1.53
CA ILE D 129 16.35 8.09 -1.52
C ILE D 129 17.56 7.88 -0.63
N GLY D 130 17.39 7.18 0.49
CA GLY D 130 18.50 6.96 1.40
C GLY D 130 19.60 6.13 0.80
N GLN D 131 19.27 5.29 -0.19
CA GLN D 131 20.28 4.46 -0.84
C GLN D 131 21.22 5.26 -1.71
N PHE D 132 20.95 6.56 -1.91
CA PHE D 132 21.81 7.44 -2.68
C PHE D 132 22.48 8.49 -1.81
N GLY D 133 22.35 8.37 -0.49
CA GLY D 133 23.03 9.23 0.45
C GLY D 133 22.45 10.62 0.59
N VAL D 134 21.24 10.85 0.11
CA VAL D 134 20.65 12.19 0.08
C VAL D 134 19.26 12.18 0.70
N GLY D 135 19.04 11.27 1.65
CA GLY D 135 17.75 11.17 2.31
C GLY D 135 17.33 12.43 3.03
N PHE D 136 18.29 13.26 3.43
CA PHE D 136 17.96 14.52 4.10
C PHE D 136 16.89 15.30 3.37
N TYR D 137 16.96 15.34 2.04
CA TYR D 137 16.04 16.19 1.28
C TYR D 137 14.61 15.65 1.27
N SER D 138 14.39 14.41 1.73
CA SER D 138 13.02 13.93 1.87
C SER D 138 12.24 14.73 2.89
N ALA D 139 12.92 15.51 3.74
CA ALA D 139 12.22 16.39 4.67
C ALA D 139 11.24 17.30 3.95
N TYR D 140 11.54 17.68 2.70
CA TYR D 140 10.67 18.57 1.96
C TYR D 140 9.44 17.88 1.42
N LEU D 141 9.28 16.58 1.66
CA LEU D 141 8.00 15.92 1.44
C LEU D 141 6.93 16.50 2.35
N VAL D 142 7.30 16.94 3.55
CA VAL D 142 6.34 17.42 4.54
C VAL D 142 6.64 18.82 5.04
N ALA D 143 7.84 19.37 4.80
CA ALA D 143 8.23 20.66 5.35
C ALA D 143 8.32 21.69 4.24
N GLU D 144 7.82 22.90 4.53
CA GLU D 144 8.02 24.04 3.64
C GLU D 144 9.33 24.75 3.90
N LYS D 145 9.91 24.55 5.08
CA LYS D 145 11.15 25.17 5.47
C LYS D 145 11.87 24.21 6.41
N VAL D 146 13.18 24.13 6.27
CA VAL D 146 14.01 23.29 7.12
C VAL D 146 15.14 24.13 7.69
N VAL D 147 15.34 24.04 9.00
CA VAL D 147 16.44 24.68 9.70
C VAL D 147 17.30 23.59 10.33
N VAL D 148 18.62 23.73 10.19
CA VAL D 148 19.57 22.79 10.76
C VAL D 148 20.52 23.58 11.66
N ILE D 149 20.51 23.26 12.96
CA ILE D 149 21.46 23.78 13.92
C ILE D 149 22.44 22.67 14.26
N THR D 150 23.74 22.98 14.20
CA THR D 150 24.75 21.96 14.35
C THR D 150 25.97 22.49 15.10
N LYS D 151 26.61 21.59 15.85
CA LYS D 151 27.79 21.90 16.65
C LYS D 151 28.78 20.75 16.56
N HIS D 152 29.95 21.03 16.00
CA HIS D 152 31.04 20.08 15.91
C HIS D 152 32.14 20.50 16.88
N ASN D 153 32.86 19.51 17.42
CA ASN D 153 33.88 19.79 18.43
C ASN D 153 34.91 20.82 17.95
N ASP D 154 35.13 20.92 16.64
CA ASP D 154 36.19 21.73 16.07
C ASP D 154 35.72 23.10 15.58
N ASP D 155 34.49 23.50 15.92
CA ASP D 155 33.94 24.74 15.38
C ASP D 155 32.84 25.23 16.31
N GLU D 156 32.30 26.41 16.00
CA GLU D 156 31.20 26.99 16.76
C GLU D 156 29.86 26.53 16.19
N GLN D 157 28.79 26.86 16.92
CA GLN D 157 27.45 26.45 16.51
C GLN D 157 26.98 27.28 15.33
N TYR D 158 26.38 26.62 14.34
CA TYR D 158 25.94 27.28 13.12
C TYR D 158 24.52 26.87 12.78
N ALA D 159 23.84 27.73 12.01
CA ALA D 159 22.46 27.50 11.59
C ALA D 159 22.39 27.55 10.08
N TRP D 160 21.73 26.56 9.50
CA TRP D 160 21.49 26.44 8.08
C TRP D 160 20.00 26.48 7.87
N GLU D 161 19.57 27.04 6.73
CA GLU D 161 18.15 27.18 6.48
C GLU D 161 17.88 27.24 4.98
N SER D 162 16.74 26.68 4.58
CA SER D 162 16.31 26.78 3.20
C SER D 162 14.81 26.52 3.10
N SER D 163 14.13 27.32 2.27
CA SER D 163 12.77 27.05 1.85
C SER D 163 12.71 26.53 0.43
N ALA D 164 13.80 25.95 -0.07
CA ALA D 164 13.82 25.24 -1.34
C ALA D 164 13.56 26.15 -2.53
N GLY D 165 14.10 27.36 -2.50
CA GLY D 165 14.04 28.26 -3.64
C GLY D 165 15.25 28.20 -4.54
N GLY D 166 16.10 27.19 -4.40
CA GLY D 166 17.38 27.15 -5.07
C GLY D 166 18.53 27.66 -4.24
N SER D 167 18.24 28.25 -3.09
CA SER D 167 19.27 28.85 -2.26
C SER D 167 19.06 28.45 -0.80
N PHE D 168 20.12 28.64 -0.02
CA PHE D 168 20.10 28.43 1.42
C PHE D 168 20.98 29.47 2.08
N THR D 169 20.82 29.62 3.39
CA THR D 169 21.64 30.55 4.15
C THR D 169 22.33 29.81 5.29
N VAL D 170 23.48 30.35 5.68
CA VAL D 170 24.25 29.86 6.83
C VAL D 170 24.62 31.06 7.68
N ARG D 171 24.59 30.88 9.00
CA ARG D 171 24.93 31.94 9.93
C ARG D 171 25.33 31.33 11.26
N ALA D 172 26.20 32.03 11.99
CA ALA D 172 26.47 31.67 13.37
C ALA D 172 25.18 31.66 14.16
N ASP D 173 25.00 30.65 15.00
CA ASP D 173 23.77 30.44 15.75
C ASP D 173 23.95 30.89 17.19
N HIS D 174 23.18 31.89 17.60
CA HIS D 174 23.20 32.41 18.96
C HIS D 174 22.05 31.88 19.81
N GLY D 175 21.45 30.76 19.43
CA GLY D 175 20.41 30.12 20.21
C GLY D 175 20.98 29.24 21.31
N GLU D 176 20.11 28.39 21.85
CA GLU D 176 20.47 27.44 22.90
C GLU D 176 21.65 26.58 22.45
N PRO D 177 22.76 26.56 23.19
CA PRO D 177 23.88 25.66 22.81
C PRO D 177 23.45 24.20 22.93
N ILE D 178 23.79 23.41 21.92
CA ILE D 178 23.44 22.00 21.89
C ILE D 178 24.59 21.10 22.34
N GLY D 179 25.76 21.67 22.65
CA GLY D 179 26.87 20.89 23.16
C GLY D 179 27.64 20.18 22.06
N ARG D 180 26.98 19.24 21.39
CA ARG D 180 27.52 18.57 20.21
C ARG D 180 26.38 17.83 19.52
N GLY D 181 26.35 17.94 18.19
CA GLY D 181 25.35 17.22 17.41
C GLY D 181 24.61 18.10 16.44
N THR D 182 23.39 17.71 16.10
CA THR D 182 22.63 18.38 15.07
C THR D 182 21.16 18.39 15.44
N LYS D 183 20.51 19.51 15.10
CA LYS D 183 19.09 19.71 15.33
C LYS D 183 18.46 19.99 13.98
N VAL D 184 17.55 19.12 13.55
CA VAL D 184 16.85 19.29 12.28
C VAL D 184 15.43 19.72 12.59
N ILE D 185 15.08 20.95 12.19
CA ILE D 185 13.78 21.55 12.52
C ILE D 185 12.97 21.64 11.23
N LEU D 186 11.86 20.91 11.20
CA LEU D 186 10.96 20.90 10.06
C LEU D 186 9.78 21.81 10.33
N HIS D 187 9.61 22.83 9.48
CA HIS D 187 8.41 23.67 9.50
C HIS D 187 7.41 23.06 8.53
N LEU D 188 6.38 22.42 9.09
CA LEU D 188 5.53 21.53 8.31
C LEU D 188 4.54 22.29 7.45
N LYS D 189 4.23 21.72 6.29
CA LYS D 189 3.13 22.21 5.46
C LYS D 189 1.82 22.01 6.21
N GLU D 190 0.82 22.84 5.87
CA GLU D 190 -0.44 22.83 6.61
C GLU D 190 -1.11 21.46 6.54
N ASP D 191 -1.05 20.80 5.39
CA ASP D 191 -1.70 19.51 5.19
C ASP D 191 -0.89 18.36 5.76
N GLN D 192 0.21 18.63 6.46
CA GLN D 192 1.07 17.58 7.01
C GLN D 192 1.17 17.66 8.53
N THR D 193 0.20 18.28 9.19
CA THR D 193 0.26 18.42 10.64
C THR D 193 0.00 17.11 11.35
N GLU D 194 -0.37 16.04 10.64
CA GLU D 194 -0.54 14.75 11.30
C GLU D 194 0.75 14.32 11.98
N TYR D 195 1.90 14.77 11.49
CA TYR D 195 3.17 14.40 12.10
C TYR D 195 3.52 15.24 13.31
N LEU D 196 2.60 16.09 13.78
CA LEU D 196 2.74 16.75 15.07
C LEU D 196 2.03 16.02 16.21
N GLU D 197 1.28 14.97 15.86
CA GLU D 197 0.47 14.14 16.81
C GLU D 197 1.27 12.95 17.35
N GLU D 198 1.15 12.65 18.64
CA GLU D 198 1.95 11.56 19.21
C GLU D 198 1.61 10.22 18.55
N ARG D 199 0.32 9.94 18.35
CA ARG D 199 -0.08 8.64 17.81
C ARG D 199 0.59 8.37 16.47
N ARG D 200 0.62 9.37 15.60
CA ARG D 200 1.17 9.17 14.26
C ARG D 200 2.67 8.97 14.30
N VAL D 201 3.38 9.80 15.06
CA VAL D 201 4.84 9.72 15.12
C VAL D 201 5.26 8.34 15.61
N LYS D 202 4.61 7.85 16.67
CA LYS D 202 4.91 6.52 17.19
C LYS D 202 4.67 5.45 16.12
N GLU D 203 3.52 5.52 15.46
CA GLU D 203 3.22 4.57 14.40
C GLU D 203 4.35 4.51 13.39
N VAL D 204 4.87 5.68 12.98
CA VAL D 204 5.92 5.74 11.96
C VAL D 204 7.23 5.20 12.50
N VAL D 205 7.59 5.58 13.72
CA VAL D 205 8.83 5.09 14.32
C VAL D 205 8.77 3.57 14.48
N LYS D 206 7.63 3.07 14.96
CA LYS D 206 7.49 1.63 15.15
C LYS D 206 7.61 0.87 13.83
N LYS D 207 7.06 1.44 12.77
CA LYS D 207 7.05 0.76 11.48
C LYS D 207 8.43 0.76 10.83
N HIS D 208 9.16 1.88 10.93
CA HIS D 208 10.33 2.10 10.09
C HIS D 208 11.65 2.10 10.82
N SER D 209 11.66 2.38 12.12
CA SER D 209 12.91 2.62 12.83
C SER D 209 12.99 1.78 14.11
N GLN D 210 12.38 0.59 14.09
CA GLN D 210 12.22 -0.20 15.30
C GLN D 210 13.51 -0.89 15.72
N PHE D 211 14.53 -0.90 14.89
CA PHE D 211 15.79 -1.56 15.22
C PHE D 211 16.97 -0.62 15.00
N ILE D 212 16.76 0.68 15.25
CA ILE D 212 17.86 1.62 15.36
C ILE D 212 18.57 1.39 16.69
N GLY D 213 19.90 1.50 16.67
CA GLY D 213 20.72 1.16 17.81
C GLY D 213 20.93 2.29 18.81
N TYR D 214 19.96 3.20 18.92
CA TYR D 214 20.06 4.32 19.84
C TYR D 214 18.68 4.63 20.40
N PRO D 215 18.61 5.17 21.62
CA PRO D 215 17.29 5.48 22.19
C PRO D 215 16.64 6.66 21.47
N ILE D 216 15.35 6.52 21.19
CA ILE D 216 14.54 7.57 20.57
C ILE D 216 13.48 7.99 21.57
N THR D 217 13.55 9.24 22.03
CA THR D 217 12.59 9.76 23.00
C THR D 217 11.68 10.79 22.34
N LEU D 218 10.39 10.69 22.64
CA LEU D 218 9.37 11.60 22.12
C LEU D 218 9.03 12.62 23.21
N TYR D 219 9.01 13.90 22.83
CA TYR D 219 8.73 15.01 23.75
C TYR D 219 7.48 15.73 23.29
N LEU D 220 6.38 15.53 24.00
CA LEU D 220 5.12 16.21 23.68
C LEU D 220 4.60 15.76 22.31
#